data_6A2C
#
_entry.id   6A2C
#
_cell.length_a   133.052
_cell.length_b   133.052
_cell.length_c   142.328
_cell.angle_alpha   90.000
_cell.angle_beta   90.000
_cell.angle_gamma   90.000
#
_symmetry.space_group_name_H-M   'P 43 21 2'
#
loop_
_entity.id
_entity.type
_entity.pdbx_description
1 polymer 'Sesquisabinene B synthase 2'
2 non-polymer 'FARNESYL DIPHOSPHATE'
3 non-polymer 'MAGNESIUM ION'
4 water water
#
_entity_poly.entity_id   1
_entity_poly.type   'polypeptide(L)'
_entity_poly.pdbx_seq_one_letter_code
;MASVIVEPIRCNNDNDVISTVVDDSSVVRRAANYPPNLWDYEFLQSLGDQCTVEEKHLKLADKLKEEVKSLIKQTMEPLT
KLEFIDTVRRLGLKYQFETEVKEAVVMVSKYENDAWWIDNLHATSLRFRIMRENGIFVPQDVFERFKDTDGFKNQLCEDV
KGLLSLYEASFLGWEGEDILDEARTFATSKLKSIEGKIPSPSLAKKVSHALDLPLHWRTIRYEARWFIDTYEEEEDVNLT
LLRYAKLDFNIVQSFHQKEIGRLSRWWVGTGLDKMPFARNGLIQSYMYAIGMLFEPNLGEVREMEAKVGALITTIDDVYD
VYGTMEELELFTDITNRWDISKADQLPRNIRMPLLTMFNTSNDIGYWALKERGFNGIPCTAKVWSDQLKSYTKEAKWFHE
GHKPTLEEYLDNALVSIGFPNLLVTSYLLTVENPTKEKLDYVNSLPLFVRASCILCRIINDLGTSPDEMERGDNLKSIQC
YMNEAGASQEVAREHIEGLVRMWWKRLNKCLFEPSPFAEPFLSFTVNVVRGSHFFYQYGDGYGNAESWTKKQGMSVLIHP
IPLNEE
;
_entity_poly.pdbx_strand_id   A,B
#
loop_
_chem_comp.id
_chem_comp.type
_chem_comp.name
_chem_comp.formula
FPP non-polymer 'FARNESYL DIPHOSPHATE' 'C15 H28 O7 P2'
MG non-polymer 'MAGNESIUM ION' 'Mg 2'
#
# COMPACT_ATOMS: atom_id res chain seq x y z
N ASN A 33 2.23 17.14 -10.86
CA ASN A 33 3.47 16.66 -11.51
C ASN A 33 3.77 17.52 -12.73
N TYR A 34 5.05 17.62 -13.10
CA TYR A 34 5.43 18.30 -14.36
C TYR A 34 6.40 17.34 -15.06
N PRO A 35 6.25 17.07 -16.37
CA PRO A 35 5.06 17.43 -17.14
C PRO A 35 3.72 16.83 -16.65
N PRO A 36 2.59 17.50 -16.89
CA PRO A 36 1.32 17.02 -16.37
C PRO A 36 0.85 15.65 -16.88
N ASN A 37 0.34 14.84 -15.96
CA ASN A 37 -0.23 13.53 -16.34
C ASN A 37 -1.67 13.77 -16.79
N LEU A 38 -2.30 12.77 -17.41
CA LEU A 38 -3.67 12.91 -17.94
C LEU A 38 -4.57 13.41 -16.82
N TRP A 39 -4.43 12.85 -15.62
CA TRP A 39 -5.13 13.32 -14.40
C TRP A 39 -4.11 13.44 -13.28
N ASP A 40 -4.26 14.43 -12.40
CA ASP A 40 -3.48 14.55 -11.15
C ASP A 40 -3.85 13.36 -10.27
N TYR A 41 -2.94 12.88 -9.44
CA TYR A 41 -3.18 11.70 -8.56
C TYR A 41 -4.17 12.02 -7.44
N GLU A 42 -4.09 13.25 -6.91
CA GLU A 42 -4.99 13.68 -5.82
C GLU A 42 -6.39 13.52 -6.36
N PHE A 43 -6.60 13.90 -7.61
CA PHE A 43 -7.93 13.74 -8.26
C PHE A 43 -8.27 12.24 -8.35
N LEU A 44 -7.28 11.40 -8.67
CA LEU A 44 -7.57 9.98 -9.01
C LEU A 44 -8.02 9.31 -7.71
N GLN A 45 -7.46 9.78 -6.60
CA GLN A 45 -7.88 9.30 -5.27
C GLN A 45 -9.23 9.92 -4.89
N SER A 46 -9.49 11.19 -5.25
CA SER A 46 -10.84 11.77 -5.00
C SER A 46 -11.92 10.75 -5.39
N LEU A 47 -11.65 9.96 -6.44
CA LEU A 47 -12.68 9.19 -7.19
C LEU A 47 -13.36 8.16 -6.29
N GLY A 48 -12.57 7.38 -5.56
CA GLY A 48 -13.05 6.22 -4.78
C GLY A 48 -13.44 6.60 -3.35
N ASP A 49 -12.90 7.72 -2.84
CA ASP A 49 -13.21 8.20 -1.47
C ASP A 49 -14.73 8.41 -1.39
N GLU A 55 -27.58 3.06 -1.91
CA GLU A 55 -28.05 1.70 -1.51
C GLU A 55 -29.25 1.28 -2.37
N LYS A 56 -30.11 2.23 -2.76
CA LYS A 56 -31.19 2.02 -3.75
C LYS A 56 -30.65 1.15 -4.90
N HIS A 57 -29.60 1.64 -5.57
CA HIS A 57 -29.08 1.13 -6.86
C HIS A 57 -28.52 -0.30 -6.70
N LEU A 58 -27.90 -0.65 -5.58
CA LEU A 58 -27.41 -2.03 -5.32
C LEU A 58 -28.59 -3.02 -5.29
N LYS A 59 -29.69 -2.67 -4.61
CA LYS A 59 -30.87 -3.56 -4.48
C LYS A 59 -31.56 -3.67 -5.84
N LEU A 60 -31.71 -2.55 -6.53
CA LEU A 60 -32.25 -2.52 -7.91
C LEU A 60 -31.36 -3.38 -8.83
N ALA A 61 -30.04 -3.43 -8.61
CA ALA A 61 -29.11 -4.18 -9.49
C ALA A 61 -29.42 -5.68 -9.38
N ASP A 62 -29.64 -6.20 -8.17
CA ASP A 62 -29.96 -7.63 -7.94
C ASP A 62 -31.29 -7.95 -8.63
N LYS A 63 -32.24 -7.02 -8.57
CA LYS A 63 -33.61 -7.19 -9.11
C LYS A 63 -33.55 -7.21 -10.63
N LEU A 64 -32.86 -6.25 -11.24
CA LEU A 64 -32.71 -6.24 -12.72
C LEU A 64 -31.88 -7.45 -13.14
N LYS A 65 -30.92 -7.87 -12.33
CA LYS A 65 -30.09 -9.03 -12.69
C LYS A 65 -31.01 -10.24 -12.82
N GLU A 66 -31.89 -10.45 -11.83
CA GLU A 66 -32.81 -11.61 -11.85
C GLU A 66 -33.76 -11.44 -13.04
N GLU A 67 -34.15 -10.22 -13.40
CA GLU A 67 -35.06 -10.01 -14.57
C GLU A 67 -34.33 -10.31 -15.86
N VAL A 68 -33.03 -9.98 -15.96
CA VAL A 68 -32.26 -10.30 -17.19
C VAL A 68 -32.01 -11.82 -17.25
N LYS A 69 -31.72 -12.48 -16.14
CA LYS A 69 -31.62 -13.98 -16.16
C LYS A 69 -32.87 -14.56 -16.82
N SER A 70 -34.04 -14.06 -16.43
CA SER A 70 -35.34 -14.60 -16.90
C SER A 70 -35.41 -14.40 -18.40
N LEU A 71 -35.04 -13.22 -18.89
CA LEU A 71 -35.02 -12.94 -20.35
C LEU A 71 -34.06 -13.93 -21.01
N ILE A 72 -32.84 -14.09 -20.51
CA ILE A 72 -31.88 -14.99 -21.20
C ILE A 72 -32.50 -16.41 -21.23
N LYS A 73 -33.26 -16.79 -20.19
CA LYS A 73 -33.86 -18.15 -20.08
C LYS A 73 -35.14 -18.28 -20.89
N GLN A 74 -35.86 -17.20 -21.15
CA GLN A 74 -37.24 -17.30 -21.71
C GLN A 74 -37.18 -17.76 -23.16
N THR A 75 -38.20 -18.48 -23.60
CA THR A 75 -38.31 -18.96 -24.99
C THR A 75 -38.36 -17.76 -25.91
N MET A 76 -37.51 -17.78 -26.92
CA MET A 76 -37.52 -16.83 -28.04
C MET A 76 -37.33 -17.69 -29.29
N GLU A 77 -37.61 -17.15 -30.48
CA GLU A 77 -37.09 -17.74 -31.72
C GLU A 77 -35.57 -17.83 -31.60
N PRO A 78 -34.93 -18.86 -32.19
CA PRO A 78 -33.49 -19.07 -32.02
C PRO A 78 -32.61 -17.91 -32.50
N LEU A 79 -32.92 -17.28 -33.63
CA LEU A 79 -32.13 -16.10 -34.05
C LEU A 79 -32.27 -14.99 -33.01
N THR A 80 -33.47 -14.79 -32.44
CA THR A 80 -33.75 -13.70 -31.48
C THR A 80 -32.94 -13.98 -30.21
N LYS A 81 -32.90 -15.23 -29.74
CA LYS A 81 -32.10 -15.61 -28.56
C LYS A 81 -30.59 -15.35 -28.87
N LEU A 82 -30.07 -15.74 -30.03
CA LEU A 82 -28.64 -15.48 -30.32
C LEU A 82 -28.38 -13.96 -30.28
N GLU A 83 -29.30 -13.16 -30.82
CA GLU A 83 -29.12 -11.71 -30.92
C GLU A 83 -29.11 -11.18 -29.49
N PHE A 84 -29.96 -11.73 -28.63
CA PHE A 84 -30.10 -11.27 -27.23
C PHE A 84 -28.79 -11.59 -26.50
N ILE A 85 -28.26 -12.79 -26.64
CA ILE A 85 -27.05 -13.15 -25.83
C ILE A 85 -25.81 -12.45 -26.40
N ASP A 86 -25.80 -12.15 -27.68
CA ASP A 86 -24.73 -11.33 -28.31
C ASP A 86 -24.81 -9.92 -27.70
N THR A 87 -26.02 -9.40 -27.52
CA THR A 87 -26.26 -8.07 -26.89
C THR A 87 -25.77 -8.09 -25.46
N VAL A 88 -26.08 -9.14 -24.71
CA VAL A 88 -25.62 -9.26 -23.29
C VAL A 88 -24.07 -9.20 -23.26
N ARG A 89 -23.43 -9.88 -24.18
CA ARG A 89 -21.93 -9.98 -24.25
C ARG A 89 -21.37 -8.60 -24.56
N ARG A 90 -21.97 -7.93 -25.51
CA ARG A 90 -21.45 -6.65 -26.05
C ARG A 90 -21.64 -5.53 -25.04
N LEU A 91 -22.70 -5.61 -24.22
CA LEU A 91 -22.94 -4.71 -23.08
C LEU A 91 -21.97 -4.98 -21.93
N GLY A 92 -21.13 -6.01 -22.04
CA GLY A 92 -20.13 -6.29 -20.99
C GLY A 92 -20.67 -7.14 -19.85
N LEU A 93 -21.73 -7.93 -20.06
CA LEU A 93 -22.47 -8.55 -18.93
C LEU A 93 -22.32 -10.07 -18.92
N LYS A 94 -21.60 -10.66 -19.87
CA LYS A 94 -21.54 -12.14 -19.92
C LYS A 94 -21.03 -12.67 -18.58
N TYR A 95 -20.12 -11.97 -17.90
CA TYR A 95 -19.49 -12.43 -16.65
C TYR A 95 -20.56 -12.53 -15.56
N GLN A 96 -21.71 -11.86 -15.73
CA GLN A 96 -22.83 -11.98 -14.78
C GLN A 96 -23.74 -13.17 -15.11
N PHE A 97 -23.69 -13.72 -16.32
CA PHE A 97 -24.73 -14.66 -16.82
C PHE A 97 -24.06 -15.83 -17.52
N GLU A 98 -22.90 -16.27 -17.04
CA GLU A 98 -22.08 -17.25 -17.79
C GLU A 98 -22.87 -18.55 -17.99
N THR A 99 -23.54 -19.01 -16.94
CA THR A 99 -24.36 -20.25 -16.93
C THR A 99 -25.50 -20.10 -17.93
N GLU A 100 -26.28 -19.05 -17.76
CA GLU A 100 -27.51 -18.84 -18.56
C GLU A 100 -27.12 -18.68 -20.02
N VAL A 101 -26.04 -17.93 -20.32
CA VAL A 101 -25.66 -17.67 -21.73
C VAL A 101 -25.25 -19.00 -22.36
N LYS A 102 -24.42 -19.80 -21.69
CA LYS A 102 -23.89 -21.04 -22.32
C LYS A 102 -25.08 -21.98 -22.55
N GLU A 103 -25.96 -22.10 -21.56
CA GLU A 103 -27.15 -22.99 -21.65
C GLU A 103 -28.05 -22.51 -22.78
N ALA A 104 -28.20 -21.19 -22.97
CA ALA A 104 -28.97 -20.66 -24.11
C ALA A 104 -28.28 -21.05 -25.41
N VAL A 105 -26.95 -21.00 -25.45
CA VAL A 105 -26.17 -21.32 -26.69
C VAL A 105 -26.34 -22.81 -27.00
N VAL A 106 -26.25 -23.66 -26.00
CA VAL A 106 -26.32 -25.14 -26.20
C VAL A 106 -27.74 -25.47 -26.70
N MET A 107 -28.76 -24.87 -26.09
CA MET A 107 -30.19 -24.96 -26.52
C MET A 107 -30.29 -24.66 -28.00
N VAL A 108 -29.77 -23.53 -28.45
CA VAL A 108 -29.84 -23.17 -29.89
C VAL A 108 -29.04 -24.21 -30.70
N SER A 109 -27.92 -24.73 -30.21
CA SER A 109 -27.14 -25.71 -31.01
C SER A 109 -28.00 -26.97 -31.20
N LYS A 110 -28.98 -27.19 -30.34
CA LYS A 110 -29.80 -28.44 -30.37
C LYS A 110 -31.15 -28.21 -31.06
N TYR A 111 -31.49 -26.97 -31.47
CA TYR A 111 -32.74 -26.64 -32.18
C TYR A 111 -32.75 -27.41 -33.51
N GLU A 112 -33.75 -28.26 -33.70
CA GLU A 112 -33.66 -29.42 -34.63
C GLU A 112 -33.75 -28.91 -36.08
N ASN A 113 -34.65 -27.98 -36.35
CA ASN A 113 -34.94 -27.48 -37.72
C ASN A 113 -34.02 -26.31 -38.05
N ASP A 114 -33.28 -26.38 -39.15
CA ASP A 114 -32.26 -25.36 -39.51
C ASP A 114 -32.86 -24.27 -40.41
N ALA A 115 -34.16 -24.28 -40.70
CA ALA A 115 -34.77 -23.35 -41.68
C ALA A 115 -34.55 -21.89 -41.24
N TRP A 116 -34.47 -21.63 -39.95
CA TRP A 116 -34.31 -20.26 -39.39
C TRP A 116 -32.94 -19.65 -39.77
N TRP A 117 -31.92 -20.42 -40.16
CA TRP A 117 -30.62 -19.78 -40.50
C TRP A 117 -30.21 -20.08 -41.93
N ILE A 118 -30.59 -21.22 -42.44
CA ILE A 118 -30.18 -21.66 -43.80
C ILE A 118 -30.62 -20.58 -44.79
N ASP A 119 -29.72 -20.15 -45.67
CA ASP A 119 -29.99 -19.13 -46.71
C ASP A 119 -30.15 -17.73 -46.11
N ASN A 120 -29.98 -17.53 -44.80
CA ASN A 120 -29.94 -16.19 -44.15
C ASN A 120 -28.49 -15.84 -43.77
N LEU A 121 -27.84 -14.89 -44.46
CA LEU A 121 -26.39 -14.61 -44.23
C LEU A 121 -26.20 -14.11 -42.78
N HIS A 122 -27.06 -13.23 -42.30
CA HIS A 122 -26.94 -12.67 -40.95
C HIS A 122 -27.00 -13.81 -39.94
N ALA A 123 -28.03 -14.65 -40.02
CA ALA A 123 -28.29 -15.75 -39.07
C ALA A 123 -27.16 -16.79 -39.19
N THR A 124 -26.75 -17.14 -40.37
CA THR A 124 -25.71 -18.17 -40.53
C THR A 124 -24.43 -17.68 -39.82
N SER A 125 -24.09 -16.42 -40.08
CA SER A 125 -22.85 -15.75 -39.60
C SER A 125 -22.85 -15.67 -38.09
N LEU A 126 -23.92 -15.13 -37.52
CA LEU A 126 -24.04 -14.95 -36.07
C LEU A 126 -24.01 -16.33 -35.42
N ARG A 127 -24.73 -17.29 -35.98
CA ARG A 127 -24.75 -18.65 -35.39
C ARG A 127 -23.33 -19.22 -35.39
N PHE A 128 -22.65 -19.15 -36.50
CA PHE A 128 -21.25 -19.60 -36.64
C PHE A 128 -20.38 -18.95 -35.55
N ARG A 129 -20.48 -17.63 -35.41
CA ARG A 129 -19.60 -16.88 -34.49
C ARG A 129 -19.91 -17.29 -33.05
N ILE A 130 -21.18 -17.21 -32.66
CA ILE A 130 -21.58 -17.43 -31.24
C ILE A 130 -21.26 -18.88 -30.88
N MET A 131 -21.52 -19.81 -31.79
CA MET A 131 -21.19 -21.23 -31.56
C MET A 131 -19.67 -21.36 -31.31
N ARG A 132 -18.85 -20.87 -32.21
CA ARG A 132 -17.39 -21.03 -32.06
C ARG A 132 -16.87 -20.30 -30.81
N GLU A 133 -17.40 -19.11 -30.48
CA GLU A 133 -16.98 -18.38 -29.26
C GLU A 133 -17.23 -19.28 -28.06
N ASN A 134 -18.21 -20.19 -28.16
CA ASN A 134 -18.63 -21.02 -27.01
C ASN A 134 -18.08 -22.46 -27.15
N GLY A 135 -17.14 -22.70 -28.05
CA GLY A 135 -16.44 -24.00 -28.16
C GLY A 135 -17.29 -25.04 -28.86
N ILE A 136 -18.33 -24.62 -29.57
CA ILE A 136 -19.23 -25.55 -30.34
C ILE A 136 -18.86 -25.40 -31.82
N PHE A 137 -18.28 -26.43 -32.39
CA PHE A 137 -17.70 -26.34 -33.74
C PHE A 137 -18.83 -26.15 -34.76
N VAL A 138 -18.60 -25.25 -35.71
CA VAL A 138 -19.42 -25.09 -36.92
C VAL A 138 -18.44 -25.01 -38.05
N PRO A 139 -18.60 -25.81 -39.12
CA PRO A 139 -17.68 -25.79 -40.26
C PRO A 139 -17.82 -24.54 -41.13
N GLN A 140 -16.73 -24.13 -41.76
CA GLN A 140 -16.72 -22.96 -42.67
C GLN A 140 -17.66 -23.26 -43.84
N ASP A 141 -18.00 -24.54 -44.04
CA ASP A 141 -18.80 -25.01 -45.19
C ASP A 141 -20.20 -24.37 -45.14
N VAL A 142 -20.68 -23.99 -43.98
CA VAL A 142 -22.01 -23.30 -43.86
C VAL A 142 -22.04 -22.05 -44.75
N PHE A 143 -20.91 -21.50 -45.19
CA PHE A 143 -20.90 -20.26 -46.00
C PHE A 143 -20.92 -20.57 -47.49
N GLU A 144 -20.77 -21.85 -47.88
CA GLU A 144 -20.54 -22.23 -49.30
C GLU A 144 -21.75 -21.81 -50.15
N ARG A 145 -22.96 -21.89 -49.61
CA ARG A 145 -24.20 -21.59 -50.39
C ARG A 145 -24.27 -20.09 -50.71
N PHE A 146 -23.45 -19.26 -50.08
CA PHE A 146 -23.45 -17.78 -50.27
C PHE A 146 -22.46 -17.45 -51.36
N LYS A 147 -21.83 -18.48 -51.92
CA LYS A 147 -20.88 -18.25 -53.02
C LYS A 147 -21.43 -18.86 -54.32
N ASP A 148 -20.89 -18.38 -55.43
CA ASP A 148 -20.94 -19.03 -56.76
C ASP A 148 -19.52 -19.36 -57.17
N THR A 149 -19.34 -19.85 -58.40
CA THR A 149 -18.06 -20.32 -58.93
C THR A 149 -16.99 -19.24 -58.75
N ASP A 150 -17.39 -17.96 -58.81
CA ASP A 150 -16.40 -16.86 -58.80
C ASP A 150 -16.10 -16.43 -57.35
N GLY A 151 -16.90 -16.83 -56.36
CA GLY A 151 -16.71 -16.36 -54.98
C GLY A 151 -18.02 -15.89 -54.38
N PHE A 152 -17.95 -15.03 -53.36
CA PHE A 152 -19.19 -14.62 -52.68
C PHE A 152 -20.07 -13.88 -53.68
N LYS A 153 -21.37 -14.11 -53.59
CA LYS A 153 -22.33 -13.49 -54.55
C LYS A 153 -22.39 -11.97 -54.35
N ASN A 154 -22.22 -11.23 -55.44
CA ASN A 154 -22.18 -9.75 -55.35
C ASN A 154 -23.50 -9.20 -54.82
N GLN A 155 -24.60 -9.93 -54.95
CA GLN A 155 -25.93 -9.41 -54.52
C GLN A 155 -26.05 -9.31 -53.00
N LEU A 156 -25.13 -9.93 -52.27
CA LEU A 156 -25.13 -9.87 -50.80
C LEU A 156 -24.85 -8.43 -50.36
N CYS A 157 -24.27 -7.63 -51.25
CA CYS A 157 -23.99 -6.20 -50.98
C CYS A 157 -25.28 -5.40 -50.76
N GLU A 158 -26.45 -6.00 -50.95
CA GLU A 158 -27.73 -5.28 -50.78
C GLU A 158 -28.22 -5.43 -49.34
N ASP A 159 -27.50 -6.20 -48.52
CA ASP A 159 -27.89 -6.40 -47.10
C ASP A 159 -26.67 -6.10 -46.20
N VAL A 160 -26.56 -4.88 -45.73
CA VAL A 160 -25.36 -4.45 -44.94
C VAL A 160 -25.29 -5.22 -43.61
N LYS A 161 -26.42 -5.46 -42.95
CA LYS A 161 -26.44 -6.22 -41.68
C LYS A 161 -25.82 -7.59 -41.94
N GLY A 162 -26.24 -8.25 -43.01
CA GLY A 162 -25.65 -9.55 -43.40
C GLY A 162 -24.15 -9.47 -43.63
N LEU A 163 -23.69 -8.47 -44.38
CA LEU A 163 -22.26 -8.27 -44.65
C LEU A 163 -21.53 -8.07 -43.32
N LEU A 164 -22.10 -7.28 -42.41
CA LEU A 164 -21.40 -6.93 -41.14
C LEU A 164 -21.32 -8.21 -40.31
N SER A 165 -22.38 -9.02 -40.26
CA SER A 165 -22.33 -10.26 -39.47
C SER A 165 -21.30 -11.21 -40.08
N LEU A 166 -21.13 -11.21 -41.39
CA LEU A 166 -20.20 -12.14 -42.05
C LEU A 166 -18.76 -11.69 -41.73
N TYR A 167 -18.52 -10.39 -41.85
CA TYR A 167 -17.24 -9.77 -41.44
C TYR A 167 -16.87 -10.23 -40.02
N GLU A 168 -17.75 -10.00 -39.05
CA GLU A 168 -17.46 -10.24 -37.63
C GLU A 168 -17.15 -11.75 -37.48
N ALA A 169 -17.91 -12.61 -38.14
CA ALA A 169 -17.82 -14.07 -37.96
C ALA A 169 -16.49 -14.59 -38.52
N SER A 170 -16.01 -13.97 -39.58
CA SER A 170 -14.79 -14.40 -40.28
C SER A 170 -13.62 -14.51 -39.30
N PHE A 171 -13.62 -13.67 -38.26
CA PHE A 171 -12.45 -13.55 -37.35
C PHE A 171 -12.44 -14.72 -36.39
N LEU A 172 -13.44 -15.60 -36.44
CA LEU A 172 -13.44 -16.82 -35.58
C LEU A 172 -12.82 -17.99 -36.36
N GLY A 173 -12.27 -17.70 -37.52
CA GLY A 173 -11.68 -18.73 -38.39
C GLY A 173 -10.35 -19.26 -37.89
N TRP A 174 -9.94 -20.38 -38.47
CA TRP A 174 -8.68 -21.14 -38.20
C TRP A 174 -7.83 -21.17 -39.46
N GLU A 175 -6.58 -21.58 -39.33
CA GLU A 175 -5.72 -21.82 -40.52
C GLU A 175 -6.41 -22.86 -41.40
N GLY A 176 -6.18 -22.75 -42.70
CA GLY A 176 -6.69 -23.64 -43.74
C GLY A 176 -8.18 -23.46 -43.94
N GLU A 177 -8.84 -22.49 -43.29
CA GLU A 177 -10.29 -22.27 -43.52
C GLU A 177 -10.42 -21.15 -44.55
N ASP A 178 -10.14 -21.52 -45.81
CA ASP A 178 -10.04 -20.65 -47.02
C ASP A 178 -11.33 -19.82 -47.17
N ILE A 179 -12.49 -20.37 -46.85
CA ILE A 179 -13.78 -19.68 -47.14
C ILE A 179 -13.92 -18.51 -46.16
N LEU A 180 -13.38 -18.63 -44.95
CA LEU A 180 -13.45 -17.52 -43.96
C LEU A 180 -12.48 -16.41 -44.35
N ASP A 181 -11.34 -16.70 -44.97
CA ASP A 181 -10.45 -15.65 -45.55
C ASP A 181 -11.17 -14.90 -46.68
N GLU A 182 -11.83 -15.63 -47.59
CA GLU A 182 -12.57 -15.02 -48.72
C GLU A 182 -13.68 -14.11 -48.13
N ALA A 183 -14.39 -14.59 -47.12
CA ALA A 183 -15.47 -13.85 -46.46
C ALA A 183 -14.95 -12.54 -45.87
N ARG A 184 -13.80 -12.58 -45.18
CA ARG A 184 -13.15 -11.35 -44.65
C ARG A 184 -12.88 -10.39 -45.80
N THR A 185 -12.21 -10.85 -46.86
CA THR A 185 -11.77 -10.00 -48.00
C THR A 185 -13.02 -9.37 -48.66
N PHE A 186 -14.06 -10.16 -48.85
CA PHE A 186 -15.31 -9.76 -49.55
C PHE A 186 -16.07 -8.76 -48.68
N ALA A 187 -16.32 -9.08 -47.41
CA ALA A 187 -17.12 -8.26 -46.48
C ALA A 187 -16.40 -6.94 -46.21
N THR A 188 -15.07 -6.99 -46.01
CA THR A 188 -14.23 -5.79 -45.76
C THR A 188 -14.41 -4.87 -46.96
N SER A 189 -14.22 -5.37 -48.18
CA SER A 189 -14.29 -4.54 -49.41
C SER A 189 -15.68 -3.90 -49.58
N LYS A 190 -16.73 -4.70 -49.49
CA LYS A 190 -18.12 -4.22 -49.67
C LYS A 190 -18.48 -3.18 -48.59
N LEU A 191 -18.16 -3.47 -47.33
CA LEU A 191 -18.45 -2.52 -46.23
C LEU A 191 -17.66 -1.22 -46.45
N LYS A 192 -16.42 -1.32 -46.89
CA LYS A 192 -15.59 -0.11 -47.11
C LYS A 192 -16.20 0.70 -48.25
N SER A 193 -16.87 0.05 -49.19
CA SER A 193 -17.45 0.75 -50.35
C SER A 193 -18.65 1.59 -49.90
N ILE A 194 -18.99 1.54 -48.60
CA ILE A 194 -20.14 2.31 -48.06
C ILE A 194 -19.80 3.00 -46.73
N GLU A 195 -18.63 2.75 -46.14
CA GLU A 195 -18.27 3.33 -44.82
C GLU A 195 -18.44 4.86 -44.88
N GLY A 196 -19.10 5.43 -43.88
CA GLY A 196 -19.28 6.89 -43.81
C GLY A 196 -20.42 7.40 -44.66
N LYS A 197 -21.03 6.55 -45.50
CA LYS A 197 -22.08 7.00 -46.44
C LYS A 197 -23.39 6.25 -46.20
N ILE A 198 -23.56 5.61 -45.03
CA ILE A 198 -24.77 4.79 -44.73
C ILE A 198 -25.84 5.66 -44.07
N PRO A 199 -27.05 5.82 -44.65
CA PRO A 199 -28.09 6.69 -44.09
C PRO A 199 -28.95 5.99 -43.04
N SER A 200 -28.34 5.22 -42.15
CA SER A 200 -29.03 4.51 -41.04
C SER A 200 -28.07 4.61 -39.87
N PRO A 201 -28.28 5.55 -38.95
CA PRO A 201 -27.31 5.83 -37.90
C PRO A 201 -26.66 4.66 -37.16
N SER A 202 -27.45 3.76 -36.60
CA SER A 202 -26.87 2.68 -35.77
C SER A 202 -25.96 1.81 -36.62
N LEU A 203 -26.43 1.41 -37.80
CA LEU A 203 -25.63 0.49 -38.64
C LEU A 203 -24.38 1.23 -39.10
N ALA A 204 -24.52 2.50 -39.49
CA ALA A 204 -23.36 3.29 -39.90
C ALA A 204 -22.29 3.28 -38.81
N LYS A 205 -22.69 3.55 -37.57
CA LYS A 205 -21.74 3.57 -36.44
C LYS A 205 -21.10 2.19 -36.31
N LYS A 206 -21.91 1.14 -36.31
CA LYS A 206 -21.40 -0.23 -36.09
C LYS A 206 -20.42 -0.64 -37.20
N VAL A 207 -20.72 -0.31 -38.45
CA VAL A 207 -19.84 -0.71 -39.59
C VAL A 207 -18.50 0.02 -39.45
N SER A 208 -18.55 1.31 -39.17
CA SER A 208 -17.34 2.13 -39.05
C SER A 208 -16.47 1.59 -37.89
N HIS A 209 -17.11 1.32 -36.76
CA HIS A 209 -16.49 0.73 -35.56
C HIS A 209 -15.86 -0.62 -35.94
N ALA A 210 -16.56 -1.46 -36.72
CA ALA A 210 -16.11 -2.81 -37.10
C ALA A 210 -14.94 -2.73 -38.07
N LEU A 211 -14.96 -1.78 -38.99
CA LEU A 211 -13.86 -1.63 -39.96
C LEU A 211 -12.58 -1.20 -39.24
N ASP A 212 -12.69 -0.47 -38.13
CA ASP A 212 -11.52 -0.05 -37.33
C ASP A 212 -10.97 -1.30 -36.62
N LEU A 213 -11.81 -2.05 -35.91
CA LEU A 213 -11.42 -3.32 -35.26
C LEU A 213 -12.65 -4.21 -35.19
N PRO A 214 -12.54 -5.48 -35.61
CA PRO A 214 -13.65 -6.39 -35.43
C PRO A 214 -13.89 -6.62 -33.94
N LEU A 215 -15.14 -6.95 -33.61
CA LEU A 215 -15.57 -7.22 -32.24
C LEU A 215 -14.62 -8.22 -31.59
N HIS A 216 -14.23 -9.25 -32.32
CA HIS A 216 -13.37 -10.33 -31.81
C HIS A 216 -12.05 -9.76 -31.27
N TRP A 217 -11.59 -8.63 -31.79
CA TRP A 217 -10.26 -8.09 -31.45
C TRP A 217 -10.38 -6.94 -30.44
N ARG A 218 -11.60 -6.59 -30.03
CA ARG A 218 -11.84 -5.47 -29.09
C ARG A 218 -11.84 -5.98 -27.65
N THR A 219 -11.55 -5.10 -26.70
CA THR A 219 -11.64 -5.42 -25.25
C THR A 219 -13.12 -5.51 -24.87
N ILE A 220 -13.40 -6.31 -23.87
CA ILE A 220 -14.77 -6.39 -23.33
C ILE A 220 -15.15 -5.05 -22.69
N ARG A 221 -14.32 -4.48 -21.84
CA ARG A 221 -14.76 -3.40 -20.96
C ARG A 221 -14.98 -2.10 -21.75
N TYR A 222 -14.03 -1.73 -22.60
CA TYR A 222 -14.12 -0.51 -23.43
C TYR A 222 -15.21 -0.67 -24.49
N GLU A 223 -15.41 -1.88 -25.03
CA GLU A 223 -16.53 -2.14 -25.96
C GLU A 223 -17.87 -1.95 -25.21
N ALA A 224 -17.98 -2.41 -23.98
CA ALA A 224 -19.22 -2.28 -23.17
C ALA A 224 -19.61 -0.80 -23.11
N ARG A 225 -18.66 0.10 -22.85
CA ARG A 225 -19.02 1.51 -22.67
C ARG A 225 -19.55 2.08 -23.99
N TRP A 226 -18.87 1.78 -25.10
CA TRP A 226 -19.27 2.27 -26.44
C TRP A 226 -20.66 1.70 -26.78
N PHE A 227 -20.84 0.40 -26.55
CA PHE A 227 -22.05 -0.30 -27.04
C PHE A 227 -23.29 0.09 -26.20
N ILE A 228 -23.13 0.44 -24.94
CA ILE A 228 -24.25 0.98 -24.12
C ILE A 228 -24.87 2.19 -24.83
N ASP A 229 -24.05 3.14 -25.30
CA ASP A 229 -24.53 4.27 -26.12
C ASP A 229 -25.20 3.76 -27.40
N THR A 230 -24.54 2.88 -28.16
CA THR A 230 -25.00 2.46 -29.51
C THR A 230 -26.32 1.71 -29.37
N TYR A 231 -26.38 0.79 -28.41
CA TYR A 231 -27.58 -0.05 -28.15
C TYR A 231 -28.80 0.82 -27.81
N GLU A 232 -28.63 1.86 -26.99
CA GLU A 232 -29.72 2.77 -26.57
C GLU A 232 -30.37 3.34 -27.83
N GLU A 233 -29.61 3.50 -28.92
CA GLU A 233 -30.03 4.20 -30.16
C GLU A 233 -30.62 3.21 -31.18
N GLU A 234 -30.54 1.90 -30.94
CA GLU A 234 -30.98 0.90 -31.96
C GLU A 234 -32.50 0.70 -31.87
N GLU A 235 -33.08 0.00 -32.84
CA GLU A 235 -34.55 -0.19 -32.96
C GLU A 235 -35.03 -1.24 -31.94
N ASP A 236 -34.26 -2.30 -31.70
CA ASP A 236 -34.68 -3.46 -30.88
C ASP A 236 -34.23 -3.30 -29.41
N VAL A 237 -34.08 -2.09 -28.89
CA VAL A 237 -33.55 -1.89 -27.50
C VAL A 237 -34.51 -2.53 -26.47
N ASN A 238 -33.99 -3.36 -25.57
CA ASN A 238 -34.70 -3.81 -24.34
C ASN A 238 -34.31 -2.90 -23.17
N LEU A 239 -35.25 -2.12 -22.63
CA LEU A 239 -34.91 -1.05 -21.66
C LEU A 239 -34.49 -1.67 -20.31
N THR A 240 -35.02 -2.84 -19.95
CA THR A 240 -34.58 -3.57 -18.72
C THR A 240 -33.10 -3.94 -18.86
N LEU A 241 -32.73 -4.56 -19.98
CA LEU A 241 -31.33 -4.98 -20.24
C LEU A 241 -30.44 -3.73 -20.28
N LEU A 242 -30.90 -2.66 -20.91
CA LEU A 242 -30.12 -1.41 -21.05
C LEU A 242 -29.96 -0.78 -19.67
N ARG A 243 -31.02 -0.73 -18.88
CA ARG A 243 -30.99 -0.18 -17.51
C ARG A 243 -29.97 -0.95 -16.67
N TYR A 244 -30.02 -2.29 -16.71
CA TYR A 244 -29.10 -3.17 -15.97
C TYR A 244 -27.65 -2.93 -16.44
N ALA A 245 -27.42 -2.86 -17.74
CA ALA A 245 -26.09 -2.61 -18.33
C ALA A 245 -25.47 -1.37 -17.70
N LYS A 246 -26.25 -0.28 -17.61
CA LYS A 246 -25.77 1.02 -17.08
C LYS A 246 -25.48 0.89 -15.59
N LEU A 247 -26.32 0.21 -14.85
CA LEU A 247 -26.19 0.07 -13.38
C LEU A 247 -24.96 -0.76 -13.03
N ASP A 248 -24.87 -1.95 -13.59
CA ASP A 248 -23.70 -2.85 -13.46
C ASP A 248 -22.44 -2.12 -13.91
N PHE A 249 -22.49 -1.32 -14.98
CA PHE A 249 -21.29 -0.58 -15.45
C PHE A 249 -20.80 0.31 -14.30
N ASN A 250 -21.70 1.10 -13.74
CA ASN A 250 -21.36 2.09 -12.70
C ASN A 250 -20.86 1.37 -11.46
N ILE A 251 -21.42 0.21 -11.13
CA ILE A 251 -21.01 -0.50 -9.90
C ILE A 251 -19.59 -1.03 -10.10
N VAL A 252 -19.31 -1.67 -11.24
CA VAL A 252 -17.95 -2.19 -11.55
C VAL A 252 -16.98 -1.00 -11.56
N GLN A 253 -17.42 0.10 -12.17
CA GLN A 253 -16.60 1.32 -12.28
C GLN A 253 -16.19 1.79 -10.89
N SER A 254 -17.09 1.73 -9.90
CA SER A 254 -16.73 2.16 -8.52
C SER A 254 -15.63 1.26 -7.98
N PHE A 255 -15.62 -0.04 -8.29
CA PHE A 255 -14.49 -0.92 -7.88
C PHE A 255 -13.21 -0.44 -8.55
N HIS A 256 -13.27 -0.12 -9.84
CA HIS A 256 -12.06 0.38 -10.57
C HIS A 256 -11.55 1.67 -9.92
N GLN A 257 -12.47 2.56 -9.55
CA GLN A 257 -12.05 3.85 -8.97
C GLN A 257 -11.25 3.60 -7.69
N LYS A 258 -11.68 2.66 -6.84
CA LYS A 258 -10.93 2.42 -5.58
C LYS A 258 -9.57 1.84 -5.91
N GLU A 259 -9.49 0.99 -6.92
CA GLU A 259 -8.20 0.37 -7.33
C GLU A 259 -7.24 1.50 -7.76
N ILE A 260 -7.71 2.45 -8.56
CA ILE A 260 -6.80 3.49 -9.13
C ILE A 260 -6.34 4.37 -7.98
N GLY A 261 -7.19 4.59 -6.98
CA GLY A 261 -6.77 5.30 -5.76
C GLY A 261 -5.61 4.58 -5.07
N ARG A 262 -5.75 3.29 -4.84
CA ARG A 262 -4.68 2.49 -4.18
C ARG A 262 -3.41 2.52 -5.03
N LEU A 263 -3.55 2.28 -6.33
CA LEU A 263 -2.39 2.23 -7.26
C LEU A 263 -1.71 3.59 -7.32
N SER A 264 -2.47 4.68 -7.39
CA SER A 264 -1.93 6.06 -7.37
C SER A 264 -1.14 6.30 -6.10
N ARG A 265 -1.69 5.92 -4.94
CA ARG A 265 -0.96 6.08 -3.65
C ARG A 265 0.33 5.25 -3.70
N TRP A 266 0.27 4.02 -4.17
CA TRP A 266 1.50 3.20 -4.28
C TRP A 266 2.50 3.92 -5.20
N TRP A 267 2.05 4.40 -6.37
CA TRP A 267 2.94 4.97 -7.41
C TRP A 267 3.63 6.22 -6.85
N VAL A 268 2.87 7.11 -6.22
CA VAL A 268 3.43 8.34 -5.60
C VAL A 268 4.42 7.92 -4.52
N GLY A 269 4.09 6.88 -3.74
CA GLY A 269 4.99 6.27 -2.74
C GLY A 269 6.31 5.76 -3.31
N THR A 270 6.35 5.23 -4.53
CA THR A 270 7.62 4.78 -5.16
C THR A 270 8.46 5.99 -5.57
N GLY A 271 7.85 7.16 -5.71
CA GLY A 271 8.55 8.33 -6.24
C GLY A 271 8.76 8.23 -7.74
N LEU A 272 8.29 7.17 -8.41
CA LEU A 272 8.57 7.00 -9.86
C LEU A 272 7.76 7.99 -10.69
N ASP A 273 6.68 8.56 -10.14
CA ASP A 273 5.99 9.67 -10.82
C ASP A 273 6.96 10.87 -11.05
N LYS A 274 8.06 10.99 -10.32
CA LYS A 274 8.97 12.18 -10.46
C LYS A 274 10.22 11.81 -11.26
N MET A 275 10.24 10.64 -11.88
CA MET A 275 11.34 10.31 -12.81
C MET A 275 11.13 11.20 -14.02
N PRO A 276 12.19 11.75 -14.65
CA PRO A 276 11.99 12.56 -15.85
C PRO A 276 11.73 11.72 -17.12
N PHE A 277 11.01 10.60 -16.99
CA PHE A 277 10.50 9.72 -18.09
C PHE A 277 9.25 8.99 -17.61
N ALA A 278 8.58 8.24 -18.49
CA ALA A 278 7.44 7.36 -18.13
C ALA A 278 6.24 8.18 -17.59
N ARG A 279 6.09 9.38 -18.16
CA ARG A 279 4.86 10.21 -18.13
C ARG A 279 3.63 9.30 -18.34
N ASN A 280 2.69 9.31 -17.41
CA ASN A 280 1.40 8.57 -17.54
C ASN A 280 1.60 7.05 -17.45
N GLY A 281 2.75 6.57 -16.95
CA GLY A 281 3.06 5.14 -16.90
C GLY A 281 2.03 4.38 -16.07
N LEU A 282 1.66 4.88 -14.91
CA LEU A 282 0.73 4.15 -14.00
C LEU A 282 -0.67 4.13 -14.62
N ILE A 283 -1.15 5.28 -15.07
CA ILE A 283 -2.56 5.37 -15.56
C ILE A 283 -2.69 4.54 -16.84
N GLN A 284 -1.72 4.62 -17.75
CA GLN A 284 -1.76 3.82 -18.99
C GLN A 284 -1.70 2.32 -18.65
N SER A 285 -0.84 1.90 -17.70
CA SER A 285 -0.77 0.47 -17.34
C SER A 285 -2.15 0.02 -16.84
N TYR A 286 -2.77 0.83 -15.98
CA TYR A 286 -4.06 0.47 -15.36
C TYR A 286 -5.13 0.41 -16.44
N MET A 287 -5.13 1.37 -17.36
CA MET A 287 -6.13 1.38 -18.46
C MET A 287 -6.00 0.10 -19.28
N TYR A 288 -4.79 -0.36 -19.52
CA TYR A 288 -4.50 -1.59 -20.27
C TYR A 288 -4.94 -2.80 -19.44
N ALA A 289 -4.65 -2.81 -18.14
CA ALA A 289 -5.03 -3.92 -17.24
C ALA A 289 -6.55 -4.13 -17.34
N ILE A 290 -7.34 -3.05 -17.37
CA ILE A 290 -8.83 -3.15 -17.47
C ILE A 290 -9.21 -3.90 -18.76
N GLY A 291 -8.46 -3.75 -19.84
CA GLY A 291 -8.67 -4.57 -21.05
C GLY A 291 -8.31 -6.05 -20.84
N MET A 292 -7.23 -6.33 -20.12
CA MET A 292 -6.79 -7.72 -19.83
C MET A 292 -7.82 -8.40 -18.90
N LEU A 293 -8.29 -7.71 -17.86
CA LEU A 293 -9.29 -8.26 -16.92
C LEU A 293 -10.00 -7.10 -16.22
N PHE A 294 -11.33 -7.01 -16.33
CA PHE A 294 -12.12 -5.91 -15.71
C PHE A 294 -12.93 -6.37 -14.50
N GLU A 295 -13.14 -7.69 -14.31
CA GLU A 295 -14.10 -8.23 -13.32
C GLU A 295 -13.71 -7.79 -11.92
N PRO A 296 -14.68 -7.30 -11.11
CA PRO A 296 -14.41 -6.98 -9.72
C PRO A 296 -13.76 -8.11 -8.91
N ASN A 297 -14.16 -9.35 -9.13
CA ASN A 297 -13.63 -10.46 -8.27
C ASN A 297 -12.14 -10.71 -8.60
N LEU A 298 -11.58 -10.07 -9.63
CA LEU A 298 -10.12 -10.23 -9.95
C LEU A 298 -9.36 -8.96 -9.57
N GLY A 299 -9.92 -8.16 -8.66
CA GLY A 299 -9.33 -6.88 -8.24
C GLY A 299 -7.87 -7.00 -7.83
N GLU A 300 -7.53 -7.88 -6.91
CA GLU A 300 -6.13 -7.98 -6.39
C GLU A 300 -5.19 -8.31 -7.54
N VAL A 301 -5.59 -9.22 -8.41
CA VAL A 301 -4.71 -9.69 -9.51
C VAL A 301 -4.54 -8.51 -10.47
N ARG A 302 -5.62 -7.79 -10.74
CA ARG A 302 -5.61 -6.65 -11.66
C ARG A 302 -4.65 -5.58 -11.12
N GLU A 303 -4.66 -5.34 -9.80
CA GLU A 303 -3.77 -4.31 -9.20
C GLU A 303 -2.30 -4.73 -9.37
N MET A 304 -1.99 -6.01 -9.14
CA MET A 304 -0.60 -6.50 -9.26
C MET A 304 -0.17 -6.42 -10.73
N GLU A 305 -1.04 -6.79 -11.66
CA GLU A 305 -0.68 -6.75 -13.09
C GLU A 305 -0.40 -5.30 -13.47
N ALA A 306 -1.19 -4.36 -12.95
CA ALA A 306 -1.04 -2.92 -13.28
C ALA A 306 0.31 -2.45 -12.74
N LYS A 307 0.69 -2.90 -11.55
CA LYS A 307 1.99 -2.52 -10.98
C LYS A 307 3.12 -3.02 -11.90
N VAL A 308 3.06 -4.28 -12.32
CA VAL A 308 4.10 -4.83 -13.23
C VAL A 308 4.12 -4.05 -14.55
N GLY A 309 2.96 -3.73 -15.12
CA GLY A 309 2.90 -2.94 -16.37
C GLY A 309 3.45 -1.54 -16.21
N ALA A 310 3.21 -0.88 -15.08
CA ALA A 310 3.82 0.45 -14.80
C ALA A 310 5.35 0.33 -14.73
N LEU A 311 5.87 -0.71 -14.12
CA LEU A 311 7.34 -0.93 -14.02
C LEU A 311 7.92 -1.29 -15.39
N ILE A 312 7.24 -2.09 -16.19
CA ILE A 312 7.71 -2.46 -17.53
C ILE A 312 7.86 -1.16 -18.36
N THR A 313 6.89 -0.26 -18.31
CA THR A 313 6.96 0.99 -19.12
C THR A 313 8.14 1.82 -18.63
N THR A 314 8.29 1.91 -17.31
CA THR A 314 9.35 2.74 -16.71
C THR A 314 10.72 2.18 -17.07
N ILE A 315 10.91 0.88 -16.93
CA ILE A 315 12.24 0.27 -17.16
C ILE A 315 12.53 0.20 -18.66
N ASP A 316 11.52 0.01 -19.48
CA ASP A 316 11.70 0.08 -20.94
C ASP A 316 12.32 1.44 -21.26
N ASP A 317 11.78 2.51 -20.66
CA ASP A 317 12.33 3.87 -20.84
C ASP A 317 13.77 3.94 -20.31
N VAL A 318 14.04 3.40 -19.13
CA VAL A 318 15.43 3.35 -18.60
C VAL A 318 16.35 2.74 -19.66
N TYR A 319 15.90 1.68 -20.32
CA TYR A 319 16.74 0.99 -21.31
C TYR A 319 16.79 1.78 -22.63
N ASP A 320 15.67 2.37 -23.06
CA ASP A 320 15.59 3.03 -24.40
C ASP A 320 15.97 4.49 -24.39
N VAL A 321 15.65 5.23 -23.34
CA VAL A 321 15.85 6.71 -23.39
C VAL A 321 16.46 7.27 -22.10
N TYR A 322 17.38 6.56 -21.45
CA TYR A 322 18.05 7.18 -20.30
C TYR A 322 19.40 6.55 -19.95
N GLY A 323 19.44 5.23 -19.73
CA GLY A 323 20.64 4.57 -19.21
C GLY A 323 21.74 4.52 -20.26
N THR A 324 22.99 4.58 -19.82
CA THR A 324 24.16 4.18 -20.65
C THR A 324 24.27 2.66 -20.71
N MET A 325 25.05 2.16 -21.66
CA MET A 325 25.30 0.72 -21.81
C MET A 325 25.79 0.18 -20.47
N GLU A 326 26.71 0.85 -19.80
CA GLU A 326 27.33 0.39 -18.53
C GLU A 326 26.28 0.38 -17.41
N GLU A 327 25.40 1.37 -17.41
CA GLU A 327 24.31 1.45 -16.40
C GLU A 327 23.38 0.26 -16.60
N LEU A 328 23.00 -0.01 -17.84
CA LEU A 328 22.05 -1.10 -18.17
C LEU A 328 22.69 -2.48 -17.86
N GLU A 329 23.98 -2.67 -18.17
CA GLU A 329 24.74 -3.90 -17.77
C GLU A 329 24.56 -4.21 -16.28
N LEU A 330 24.80 -3.23 -15.41
CA LEU A 330 24.70 -3.40 -13.94
C LEU A 330 23.23 -3.64 -13.53
N PHE A 331 22.28 -2.93 -14.14
CA PHE A 331 20.83 -3.13 -13.88
C PHE A 331 20.51 -4.61 -14.11
N THR A 332 20.91 -5.09 -15.28
CA THR A 332 20.64 -6.45 -15.74
C THR A 332 21.31 -7.43 -14.75
N ASP A 333 22.56 -7.21 -14.42
CA ASP A 333 23.35 -8.16 -13.58
C ASP A 333 22.72 -8.30 -12.19
N ILE A 334 22.36 -7.17 -11.58
CA ILE A 334 21.68 -7.12 -10.24
C ILE A 334 20.38 -7.93 -10.32
N THR A 335 19.61 -7.74 -11.38
CA THR A 335 18.32 -8.44 -11.60
C THR A 335 18.57 -9.94 -11.78
N ASN A 336 19.55 -10.33 -12.61
CA ASN A 336 19.92 -11.74 -12.85
C ASN A 336 20.22 -12.40 -11.51
N ARG A 337 20.95 -11.71 -10.63
CA ARG A 337 21.45 -12.32 -9.37
C ARG A 337 20.45 -12.07 -8.24
N TRP A 338 19.46 -11.22 -8.45
CA TRP A 338 18.48 -10.84 -7.41
C TRP A 338 19.24 -10.40 -6.16
N ASP A 339 20.23 -9.54 -6.36
CA ASP A 339 21.15 -9.11 -5.29
C ASP A 339 21.39 -7.63 -5.47
N ILE A 340 20.84 -6.80 -4.58
CA ILE A 340 20.85 -5.32 -4.73
C ILE A 340 22.05 -4.71 -4.01
N SER A 341 23.06 -5.52 -3.65
CA SER A 341 24.29 -5.00 -2.97
C SER A 341 24.86 -3.81 -3.74
N LYS A 342 24.96 -3.90 -5.05
CA LYS A 342 25.64 -2.88 -5.88
C LYS A 342 24.66 -1.77 -6.31
N ALA A 343 23.42 -1.73 -5.80
CA ALA A 343 22.38 -0.81 -6.34
C ALA A 343 22.90 0.63 -6.27
N ASP A 344 23.64 0.96 -5.22
CA ASP A 344 24.08 2.34 -4.95
C ASP A 344 25.12 2.82 -5.99
N GLN A 345 25.65 1.94 -6.83
CA GLN A 345 26.49 2.33 -8.00
C GLN A 345 25.63 2.95 -9.11
N LEU A 346 24.29 2.83 -9.03
CA LEU A 346 23.42 3.42 -10.08
C LEU A 346 22.98 4.80 -9.62
N PRO A 347 22.95 5.79 -10.53
CA PRO A 347 22.32 7.06 -10.22
C PRO A 347 20.85 6.90 -9.81
N ARG A 348 20.40 7.84 -9.00
CA ARG A 348 19.06 7.89 -8.37
C ARG A 348 17.97 7.52 -9.37
N ASN A 349 17.95 8.14 -10.55
CA ASN A 349 16.80 7.97 -11.49
C ASN A 349 16.80 6.56 -12.09
N ILE A 350 17.90 5.82 -11.96
CA ILE A 350 17.96 4.41 -12.43
C ILE A 350 17.76 3.50 -11.24
N ARG A 351 18.36 3.87 -10.12
CA ARG A 351 18.32 3.05 -8.88
C ARG A 351 16.87 2.92 -8.41
N MET A 352 16.10 3.99 -8.48
CA MET A 352 14.73 3.95 -7.91
C MET A 352 13.86 2.99 -8.74
N PRO A 353 13.86 3.02 -10.10
CA PRO A 353 13.17 1.97 -10.86
C PRO A 353 13.64 0.55 -10.51
N LEU A 354 14.94 0.37 -10.38
CA LEU A 354 15.51 -0.97 -10.10
C LEU A 354 14.94 -1.48 -8.77
N LEU A 355 15.00 -0.65 -7.74
CA LEU A 355 14.65 -1.14 -6.40
C LEU A 355 13.13 -1.29 -6.31
N THR A 356 12.35 -0.48 -7.04
CA THR A 356 10.90 -0.66 -7.07
C THR A 356 10.56 -1.98 -7.78
N MET A 357 11.21 -2.28 -8.91
CA MET A 357 11.05 -3.61 -9.57
C MET A 357 11.29 -4.72 -8.55
N PHE A 358 12.40 -4.66 -7.84
CA PHE A 358 12.84 -5.66 -6.84
C PHE A 358 11.77 -5.77 -5.73
N ASN A 359 11.38 -4.66 -5.12
CA ASN A 359 10.44 -4.65 -3.96
C ASN A 359 9.06 -5.16 -4.40
N THR A 360 8.57 -4.72 -5.56
CA THR A 360 7.25 -5.12 -6.07
C THR A 360 7.25 -6.60 -6.46
N SER A 361 8.31 -7.07 -7.11
CA SER A 361 8.47 -8.50 -7.46
C SER A 361 8.44 -9.35 -6.18
N ASN A 362 9.18 -8.95 -5.14
CA ASN A 362 9.15 -9.63 -3.82
C ASN A 362 7.74 -9.58 -3.24
N ASP A 363 7.05 -8.44 -3.29
CA ASP A 363 5.66 -8.31 -2.79
C ASP A 363 4.73 -9.29 -3.54
N ILE A 364 4.83 -9.35 -4.87
CA ILE A 364 3.93 -10.21 -5.70
C ILE A 364 4.21 -11.67 -5.39
N GLY A 365 5.48 -12.07 -5.37
CA GLY A 365 5.86 -13.45 -5.03
C GLY A 365 5.35 -13.83 -3.64
N TYR A 366 5.42 -12.89 -2.70
CA TYR A 366 5.00 -13.12 -1.29
C TYR A 366 3.47 -13.28 -1.25
N TRP A 367 2.73 -12.51 -2.03
CA TRP A 367 1.26 -12.66 -2.11
C TRP A 367 0.92 -14.12 -2.50
N ALA A 368 1.61 -14.69 -3.49
CA ALA A 368 1.38 -16.08 -3.90
C ALA A 368 1.68 -17.04 -2.73
N LEU A 369 2.68 -16.74 -1.90
CA LEU A 369 2.97 -17.59 -0.71
C LEU A 369 1.81 -17.47 0.29
N LYS A 370 1.42 -16.25 0.63
CA LYS A 370 0.42 -15.94 1.68
C LYS A 370 -0.94 -16.47 1.22
N GLU A 371 -1.27 -16.23 -0.04
CA GLU A 371 -2.65 -16.44 -0.55
C GLU A 371 -2.74 -17.83 -1.19
N ARG A 372 -1.71 -18.26 -1.91
CA ARG A 372 -1.85 -19.40 -2.85
C ARG A 372 -1.00 -20.57 -2.33
N GLY A 373 -0.34 -20.41 -1.19
CA GLY A 373 0.57 -21.37 -0.53
C GLY A 373 1.91 -21.55 -1.20
N PHE A 374 2.23 -20.77 -2.25
CA PHE A 374 3.47 -21.01 -3.03
C PHE A 374 4.29 -19.72 -3.15
N ASN A 375 5.59 -19.82 -2.89
CA ASN A 375 6.53 -18.66 -2.91
C ASN A 375 6.85 -18.32 -4.38
N GLY A 376 6.24 -17.27 -4.90
CA GLY A 376 6.38 -16.86 -6.31
C GLY A 376 7.56 -15.94 -6.57
N ILE A 377 8.45 -15.73 -5.61
CA ILE A 377 9.59 -14.78 -5.79
C ILE A 377 10.55 -15.31 -6.84
N PRO A 378 10.91 -16.60 -6.83
CA PRO A 378 11.78 -17.13 -7.87
C PRO A 378 11.19 -16.89 -9.28
N CYS A 379 9.86 -16.98 -9.39
CA CYS A 379 9.13 -16.86 -10.66
C CYS A 379 9.18 -15.40 -11.13
N THR A 380 8.83 -14.44 -10.28
CA THR A 380 8.83 -13.01 -10.67
C THR A 380 10.28 -12.60 -10.92
N ALA A 381 11.26 -13.05 -10.14
CA ALA A 381 12.68 -12.68 -10.37
C ALA A 381 13.09 -13.20 -11.74
N LYS A 382 12.64 -14.38 -12.12
CA LYS A 382 13.05 -15.07 -13.37
C LYS A 382 12.48 -14.31 -14.58
N VAL A 383 11.20 -13.93 -14.55
CA VAL A 383 10.61 -13.28 -15.74
C VAL A 383 11.20 -11.87 -15.88
N TRP A 384 11.58 -11.20 -14.81
CA TRP A 384 12.29 -9.90 -14.94
C TRP A 384 13.68 -10.09 -15.55
N SER A 385 14.43 -11.07 -15.07
CA SER A 385 15.76 -11.42 -15.63
C SER A 385 15.64 -11.72 -17.13
N ASP A 386 14.68 -12.56 -17.52
CA ASP A 386 14.43 -12.88 -18.96
C ASP A 386 14.11 -11.58 -19.70
N GLN A 387 13.23 -10.76 -19.16
CA GLN A 387 12.86 -9.52 -19.89
C GLN A 387 14.05 -8.55 -20.04
N LEU A 388 14.88 -8.37 -19.02
CA LEU A 388 16.01 -7.40 -19.11
C LEU A 388 17.10 -7.94 -20.05
N LYS A 389 17.24 -9.25 -20.09
CA LYS A 389 18.18 -9.86 -21.04
C LYS A 389 17.70 -9.56 -22.45
N SER A 390 16.39 -9.57 -22.67
CA SER A 390 15.87 -9.31 -24.02
C SER A 390 16.08 -7.81 -24.36
N TYR A 391 15.95 -6.90 -23.41
CA TYR A 391 16.26 -5.46 -23.63
C TYR A 391 17.73 -5.27 -23.96
N THR A 392 18.60 -6.00 -23.26
CA THR A 392 20.05 -5.90 -23.45
C THR A 392 20.41 -6.36 -24.87
N LYS A 393 19.79 -7.45 -25.33
CA LYS A 393 20.02 -7.97 -26.70
C LYS A 393 19.61 -6.92 -27.73
N GLU A 394 18.46 -6.28 -27.57
CA GLU A 394 18.02 -5.19 -28.49
C GLU A 394 19.06 -4.06 -28.48
N ALA A 395 19.57 -3.69 -27.30
CA ALA A 395 20.48 -2.55 -27.15
C ALA A 395 21.80 -2.89 -27.86
N LYS A 396 22.28 -4.12 -27.67
CA LYS A 396 23.49 -4.64 -28.33
C LYS A 396 23.34 -4.51 -29.85
N TRP A 397 22.24 -5.02 -30.40
CA TRP A 397 21.99 -4.93 -31.86
C TRP A 397 22.05 -3.48 -32.30
N PHE A 398 21.37 -2.59 -31.58
CA PHE A 398 21.24 -1.16 -31.91
C PHE A 398 22.64 -0.50 -31.96
N HIS A 399 23.49 -0.77 -30.97
CA HIS A 399 24.86 -0.21 -30.86
C HIS A 399 25.85 -0.86 -31.83
N GLU A 400 25.74 -2.16 -32.13
CA GLU A 400 26.62 -2.83 -33.13
C GLU A 400 26.16 -2.58 -34.57
N GLY A 401 24.95 -2.08 -34.80
CA GLY A 401 24.35 -1.95 -36.15
C GLY A 401 23.84 -3.26 -36.74
N HIS A 402 23.59 -4.30 -35.93
CA HIS A 402 22.99 -5.59 -36.40
C HIS A 402 21.60 -5.34 -36.98
N LYS A 403 21.29 -5.95 -38.10
CA LYS A 403 19.96 -5.90 -38.75
C LYS A 403 19.44 -7.33 -38.70
N PRO A 404 18.70 -7.68 -37.62
CA PRO A 404 18.17 -9.03 -37.48
C PRO A 404 17.13 -9.30 -38.56
N THR A 405 16.94 -10.58 -38.90
CA THR A 405 15.79 -11.05 -39.69
C THR A 405 14.53 -10.79 -38.86
N LEU A 406 13.37 -10.80 -39.50
CA LEU A 406 12.11 -10.71 -38.74
C LEU A 406 12.06 -11.85 -37.73
N GLU A 407 12.48 -13.06 -38.11
CA GLU A 407 12.41 -14.25 -37.23
C GLU A 407 13.37 -14.07 -36.03
N GLU A 408 14.61 -13.59 -36.20
CA GLU A 408 15.53 -13.35 -35.08
C GLU A 408 14.96 -12.24 -34.18
N TYR A 409 14.46 -11.17 -34.78
CA TYR A 409 13.90 -10.03 -34.01
C TYR A 409 12.73 -10.53 -33.13
N LEU A 410 11.77 -11.24 -33.73
CA LEU A 410 10.51 -11.59 -33.03
C LEU A 410 10.79 -12.60 -31.91
N ASP A 411 11.73 -13.52 -32.09
CA ASP A 411 12.10 -14.48 -31.02
C ASP A 411 12.46 -13.72 -29.73
N ASN A 412 13.15 -12.60 -29.85
CA ASN A 412 13.55 -11.78 -28.67
C ASN A 412 12.44 -10.78 -28.32
N ALA A 413 11.81 -10.19 -29.33
CA ALA A 413 10.87 -9.06 -29.11
C ALA A 413 9.53 -9.54 -28.51
N LEU A 414 9.20 -10.82 -28.64
CA LEU A 414 8.00 -11.37 -27.97
C LEU A 414 8.29 -11.43 -26.46
N VAL A 415 9.55 -11.42 -26.07
CA VAL A 415 9.93 -11.33 -24.64
C VAL A 415 10.02 -9.87 -24.25
N SER A 416 10.67 -9.03 -25.05
CA SER A 416 10.88 -7.62 -24.65
C SER A 416 9.55 -6.87 -24.50
N ILE A 417 8.51 -7.25 -25.23
CA ILE A 417 7.21 -6.51 -25.15
C ILE A 417 6.65 -6.69 -23.71
N GLY A 418 7.05 -7.73 -22.97
CA GLY A 418 6.77 -7.83 -21.53
C GLY A 418 5.61 -8.75 -21.23
N PHE A 419 5.02 -9.36 -22.25
CA PHE A 419 3.82 -10.20 -22.04
C PHE A 419 4.16 -11.55 -21.45
N PRO A 420 5.34 -12.18 -21.72
CA PRO A 420 5.74 -13.34 -20.93
C PRO A 420 5.75 -13.01 -19.43
N ASN A 421 6.26 -11.85 -19.07
CA ASN A 421 6.29 -11.33 -17.68
C ASN A 421 4.85 -11.20 -17.19
N LEU A 422 4.06 -10.39 -17.87
CA LEU A 422 2.67 -10.14 -17.42
C LEU A 422 1.88 -11.45 -17.37
N LEU A 423 2.00 -12.31 -18.37
CA LEU A 423 1.15 -13.54 -18.44
C LEU A 423 1.59 -14.56 -17.40
N VAL A 424 2.89 -14.84 -17.30
CA VAL A 424 3.40 -15.83 -16.32
C VAL A 424 3.00 -15.35 -14.93
N THR A 425 3.13 -14.05 -14.68
CA THR A 425 2.73 -13.48 -13.38
C THR A 425 1.23 -13.74 -13.18
N SER A 426 0.40 -13.47 -14.18
CA SER A 426 -1.06 -13.66 -14.07
C SER A 426 -1.38 -15.13 -13.76
N TYR A 427 -0.64 -16.06 -14.34
CA TYR A 427 -0.82 -17.52 -14.09
C TYR A 427 -0.42 -17.92 -12.66
N LEU A 428 0.71 -17.40 -12.19
CA LEU A 428 1.20 -17.56 -10.79
C LEU A 428 0.09 -17.18 -9.80
N LEU A 429 -0.60 -16.09 -10.07
CA LEU A 429 -1.54 -15.49 -9.10
C LEU A 429 -2.91 -16.15 -9.18
N THR A 430 -3.22 -16.95 -10.19
CA THR A 430 -4.58 -17.48 -10.40
C THR A 430 -4.64 -19.00 -10.48
N VAL A 431 -3.58 -19.67 -10.92
CA VAL A 431 -3.63 -21.14 -11.12
C VAL A 431 -3.91 -21.83 -9.76
N GLU A 432 -4.77 -22.84 -9.79
CA GLU A 432 -4.97 -23.72 -8.60
C GLU A 432 -3.68 -24.51 -8.41
N ASN A 433 -3.14 -24.53 -7.20
CA ASN A 433 -2.01 -25.43 -6.83
C ASN A 433 -0.80 -25.10 -7.72
N PRO A 434 -0.31 -23.85 -7.67
CA PRO A 434 0.86 -23.45 -8.45
C PRO A 434 2.07 -24.27 -7.98
N THR A 435 2.96 -24.61 -8.89
CA THR A 435 4.20 -25.35 -8.61
C THR A 435 5.27 -24.84 -9.54
N LYS A 436 6.52 -25.14 -9.21
CA LYS A 436 7.64 -24.80 -10.09
C LYS A 436 7.41 -25.42 -11.47
N GLU A 437 7.01 -26.69 -11.54
CA GLU A 437 6.86 -27.39 -12.85
C GLU A 437 5.78 -26.70 -13.69
N LYS A 438 4.66 -26.30 -13.09
CA LYS A 438 3.58 -25.56 -13.79
C LYS A 438 4.11 -24.21 -14.29
N LEU A 439 4.84 -23.48 -13.46
CA LEU A 439 5.35 -22.14 -13.85
C LEU A 439 6.41 -22.26 -14.94
N ASP A 440 7.24 -23.30 -14.87
CA ASP A 440 8.27 -23.56 -15.91
C ASP A 440 7.54 -23.82 -17.25
N TYR A 441 6.50 -24.62 -17.20
CA TYR A 441 5.67 -24.92 -18.39
C TYR A 441 5.15 -23.61 -19.00
N VAL A 442 4.51 -22.75 -18.23
CA VAL A 442 3.93 -21.52 -18.85
C VAL A 442 5.07 -20.66 -19.39
N ASN A 443 6.19 -20.58 -18.69
CA ASN A 443 7.33 -19.75 -19.13
C ASN A 443 8.09 -20.41 -20.29
N SER A 444 7.77 -21.63 -20.70
CA SER A 444 8.40 -22.33 -21.87
C SER A 444 7.72 -21.89 -23.17
N LEU A 445 6.65 -21.09 -23.08
CA LEU A 445 5.87 -20.55 -24.22
C LEU A 445 5.28 -21.70 -25.03
N PRO A 446 4.30 -22.38 -24.44
CA PRO A 446 3.43 -23.23 -25.25
C PRO A 446 2.78 -22.34 -26.32
N LEU A 447 2.42 -22.95 -27.44
CA LEU A 447 1.97 -22.23 -28.67
C LEU A 447 0.95 -21.13 -28.31
N PHE A 448 -0.04 -21.46 -27.48
CA PHE A 448 -1.12 -20.54 -27.02
C PHE A 448 -0.51 -19.24 -26.48
N VAL A 449 0.50 -19.36 -25.62
CA VAL A 449 1.12 -18.20 -24.93
C VAL A 449 2.03 -17.50 -25.93
N ARG A 450 2.79 -18.28 -26.71
CA ARG A 450 3.73 -17.77 -27.72
C ARG A 450 2.95 -16.88 -28.71
N ALA A 451 1.82 -17.37 -29.17
CA ALA A 451 0.93 -16.67 -30.12
C ALA A 451 0.52 -15.32 -29.54
N SER A 452 0.03 -15.31 -28.30
CA SER A 452 -0.38 -14.07 -27.59
C SER A 452 0.82 -13.09 -27.51
N CYS A 453 2.00 -13.52 -27.06
CA CYS A 453 3.18 -12.63 -26.91
C CYS A 453 3.63 -12.06 -28.26
N ILE A 454 3.67 -12.88 -29.30
CA ILE A 454 4.08 -12.43 -30.64
C ILE A 454 3.03 -11.41 -31.10
N LEU A 455 1.76 -11.70 -30.91
CA LEU A 455 0.68 -10.78 -31.38
C LEU A 455 0.86 -9.41 -30.70
N CYS A 456 1.06 -9.40 -29.38
CA CYS A 456 1.19 -8.11 -28.64
C CYS A 456 2.37 -7.30 -29.20
N ARG A 457 3.49 -7.96 -29.50
CA ARG A 457 4.70 -7.29 -30.05
C ARG A 457 4.38 -6.76 -31.44
N ILE A 458 3.82 -7.58 -32.32
CA ILE A 458 3.64 -7.15 -33.73
C ILE A 458 2.61 -6.02 -33.77
N ILE A 459 1.59 -6.13 -32.92
CA ILE A 459 0.52 -5.09 -32.87
C ILE A 459 1.15 -3.78 -32.40
N ASN A 460 1.97 -3.80 -31.34
CA ASN A 460 2.72 -2.63 -30.85
C ASN A 460 3.56 -2.06 -32.01
N ASP A 461 4.27 -2.90 -32.75
CA ASP A 461 5.15 -2.44 -33.86
C ASP A 461 4.36 -1.81 -35.00
N LEU A 462 3.15 -2.28 -35.25
CA LEU A 462 2.31 -1.78 -36.36
C LEU A 462 1.69 -0.42 -35.99
N GLY A 463 1.53 -0.14 -34.71
CA GLY A 463 0.88 1.11 -34.27
C GLY A 463 1.77 2.33 -34.40
N THR A 464 3.02 2.13 -34.78
CA THR A 464 4.00 3.24 -34.88
C THR A 464 3.79 4.03 -36.19
N SER A 465 3.80 5.37 -36.10
CA SER A 465 3.65 6.27 -37.29
C SER A 465 4.91 6.26 -38.14
N PRO A 466 4.97 6.91 -39.33
CA PRO A 466 6.24 7.06 -40.06
C PRO A 466 7.17 7.69 -39.02
N ASP A 467 8.23 6.98 -38.66
CA ASP A 467 9.02 7.49 -37.51
C ASP A 467 10.52 7.33 -37.72
N GLU A 468 11.22 8.45 -37.92
CA GLU A 468 12.70 8.46 -38.06
C GLU A 468 13.15 7.28 -38.92
N ASP A 473 14.04 2.89 -38.12
CA ASP A 473 14.39 2.07 -36.93
C ASP A 473 14.49 0.61 -37.40
N ASN A 474 15.72 0.08 -37.48
CA ASN A 474 16.00 -1.29 -37.97
C ASN A 474 15.44 -2.31 -36.97
N LEU A 475 15.12 -1.88 -35.74
CA LEU A 475 14.77 -2.83 -34.66
C LEU A 475 13.28 -2.80 -34.38
N LYS A 476 12.47 -2.85 -35.44
CA LYS A 476 11.00 -3.03 -35.30
C LYS A 476 10.58 -4.03 -36.40
N SER A 477 9.39 -4.62 -36.33
CA SER A 477 8.90 -5.71 -37.22
C SER A 477 8.97 -5.27 -38.69
N ILE A 478 8.35 -4.15 -39.05
CA ILE A 478 8.18 -3.78 -40.49
C ILE A 478 9.58 -3.65 -41.11
N GLN A 479 10.48 -2.91 -40.45
CA GLN A 479 11.81 -2.59 -41.00
C GLN A 479 12.64 -3.87 -41.06
N CYS A 480 12.48 -4.78 -40.08
CA CYS A 480 13.27 -6.02 -40.05
C CYS A 480 12.91 -6.82 -41.30
N TYR A 481 11.62 -6.87 -41.63
CA TYR A 481 11.14 -7.59 -42.81
C TYR A 481 11.55 -6.86 -44.10
N MET A 482 11.49 -5.52 -44.11
CA MET A 482 11.97 -4.70 -45.25
C MET A 482 13.44 -5.07 -45.52
N ASN A 483 14.26 -5.13 -44.47
CA ASN A 483 15.70 -5.44 -44.64
C ASN A 483 15.83 -6.86 -45.20
N GLU A 484 14.96 -7.76 -44.80
CA GLU A 484 15.15 -9.22 -45.01
C GLU A 484 14.83 -9.52 -46.48
N ALA A 485 13.65 -9.09 -46.92
CA ALA A 485 13.05 -9.48 -48.22
C ALA A 485 13.37 -8.44 -49.30
N GLY A 486 14.16 -7.41 -48.97
CA GLY A 486 14.23 -6.18 -49.76
C GLY A 486 12.85 -5.65 -50.12
N ALA A 487 11.89 -5.67 -49.20
CA ALA A 487 10.49 -5.26 -49.45
C ALA A 487 10.26 -3.77 -49.16
N SER A 488 9.25 -3.17 -49.78
CA SER A 488 8.82 -1.78 -49.48
C SER A 488 8.16 -1.75 -48.11
N GLN A 489 7.87 -0.56 -47.61
CA GLN A 489 7.23 -0.36 -46.29
C GLN A 489 5.77 -0.80 -46.41
N GLU A 490 5.11 -0.58 -47.55
CA GLU A 490 3.68 -0.95 -47.76
C GLU A 490 3.55 -2.48 -47.78
N VAL A 491 4.46 -3.13 -48.52
CA VAL A 491 4.47 -4.60 -48.70
C VAL A 491 4.79 -5.26 -47.35
N ALA A 492 5.80 -4.74 -46.66
CA ALA A 492 6.26 -5.21 -45.33
C ALA A 492 5.12 -5.06 -44.31
N ARG A 493 4.45 -3.92 -44.27
CA ARG A 493 3.30 -3.70 -43.36
C ARG A 493 2.22 -4.74 -43.66
N GLU A 494 1.93 -4.97 -44.94
CA GLU A 494 0.92 -5.96 -45.38
C GLU A 494 1.33 -7.35 -44.88
N HIS A 495 2.58 -7.71 -45.05
CA HIS A 495 3.09 -9.01 -44.56
C HIS A 495 2.84 -9.14 -43.04
N ILE A 496 3.14 -8.10 -42.28
CA ILE A 496 3.03 -8.15 -40.79
C ILE A 496 1.55 -8.23 -40.41
N GLU A 497 0.68 -7.56 -41.15
CA GLU A 497 -0.77 -7.63 -40.92
C GLU A 497 -1.26 -9.06 -41.16
N GLY A 498 -0.68 -9.74 -42.15
CA GLY A 498 -0.95 -11.15 -42.44
C GLY A 498 -0.51 -12.02 -41.28
N LEU A 499 0.60 -11.69 -40.63
CA LEU A 499 1.07 -12.45 -39.43
C LEU A 499 0.05 -12.29 -38.32
N VAL A 500 -0.47 -11.08 -38.12
CA VAL A 500 -1.49 -10.88 -37.05
C VAL A 500 -2.64 -11.83 -37.32
N ARG A 501 -3.15 -11.85 -38.55
CA ARG A 501 -4.33 -12.72 -38.88
C ARG A 501 -3.96 -14.20 -38.64
N MET A 502 -2.76 -14.60 -39.05
CA MET A 502 -2.27 -16.01 -38.87
C MET A 502 -2.21 -16.37 -37.37
N TRP A 503 -1.58 -15.55 -36.55
CA TRP A 503 -1.44 -15.94 -35.12
C TRP A 503 -2.81 -15.97 -34.41
N TRP A 504 -3.74 -15.11 -34.83
CA TRP A 504 -5.12 -15.14 -34.25
C TRP A 504 -5.79 -16.47 -34.58
N LYS A 505 -5.58 -16.97 -35.78
CA LYS A 505 -6.15 -18.27 -36.18
C LYS A 505 -5.65 -19.37 -35.24
N ARG A 506 -4.36 -19.34 -34.90
CA ARG A 506 -3.77 -20.36 -34.00
C ARG A 506 -4.36 -20.19 -32.60
N LEU A 507 -4.50 -18.95 -32.13
CA LEU A 507 -5.13 -18.66 -30.82
C LEU A 507 -6.55 -19.23 -30.81
N ASN A 508 -7.31 -18.97 -31.87
CA ASN A 508 -8.72 -19.42 -31.94
C ASN A 508 -8.78 -20.94 -31.85
N LYS A 509 -7.90 -21.61 -32.59
CA LYS A 509 -7.89 -23.09 -32.59
C LYS A 509 -7.42 -23.61 -31.21
N CYS A 510 -6.51 -22.89 -30.55
CA CYS A 510 -6.06 -23.34 -29.22
C CYS A 510 -7.20 -23.38 -28.23
N LEU A 511 -8.20 -22.50 -28.37
CA LEU A 511 -9.32 -22.55 -27.43
C LEU A 511 -10.25 -23.75 -27.58
N PHE A 512 -10.16 -24.44 -28.70
CA PHE A 512 -10.95 -25.62 -28.89
C PHE A 512 -10.19 -26.84 -28.39
N GLU A 513 -8.98 -26.65 -27.93
CA GLU A 513 -8.14 -27.69 -27.35
C GLU A 513 -7.26 -26.90 -26.40
N PRO A 514 -7.84 -26.37 -25.31
CA PRO A 514 -7.15 -25.48 -24.34
C PRO A 514 -6.08 -26.17 -23.46
N SER A 515 -6.24 -27.47 -23.40
CA SER A 515 -5.32 -28.36 -22.82
C SER A 515 -5.04 -27.99 -21.44
N PRO A 516 -3.82 -27.64 -21.13
CA PRO A 516 -3.52 -27.51 -19.71
C PRO A 516 -4.12 -26.25 -19.07
N PHE A 517 -4.47 -25.25 -19.84
CA PHE A 517 -4.97 -24.02 -19.28
C PHE A 517 -6.44 -23.96 -19.00
N ALA A 518 -6.80 -23.22 -17.97
CA ALA A 518 -8.21 -23.03 -17.60
C ALA A 518 -8.44 -21.54 -17.38
N GLU A 519 -9.69 -21.19 -17.09
CA GLU A 519 -10.01 -19.80 -16.74
C GLU A 519 -9.44 -19.53 -15.35
N PRO A 520 -9.01 -18.29 -15.03
CA PRO A 520 -9.10 -17.18 -16.00
C PRO A 520 -7.93 -16.95 -16.99
N PHE A 521 -6.89 -17.77 -16.94
CA PHE A 521 -5.69 -17.56 -17.80
C PHE A 521 -6.04 -17.61 -19.29
N LEU A 522 -6.96 -18.49 -19.66
CA LEU A 522 -7.38 -18.57 -21.08
C LEU A 522 -7.83 -17.18 -21.54
N SER A 523 -8.67 -16.53 -20.74
CA SER A 523 -9.20 -15.19 -21.09
C SER A 523 -8.09 -14.14 -21.09
N PHE A 524 -7.20 -14.17 -20.09
CA PHE A 524 -6.09 -13.20 -20.02
C PHE A 524 -5.23 -13.29 -21.28
N THR A 525 -4.94 -14.50 -21.75
CA THR A 525 -3.99 -14.69 -22.88
C THR A 525 -4.59 -14.08 -24.15
N VAL A 526 -5.91 -14.13 -24.29
CA VAL A 526 -6.61 -13.56 -25.45
C VAL A 526 -6.79 -12.06 -25.21
N ASN A 527 -7.14 -11.67 -23.99
CA ASN A 527 -7.54 -10.28 -23.69
C ASN A 527 -6.31 -9.36 -23.74
N VAL A 528 -5.08 -9.84 -23.51
CA VAL A 528 -3.90 -8.94 -23.66
C VAL A 528 -3.75 -8.57 -25.13
N VAL A 529 -4.14 -9.45 -26.02
CA VAL A 529 -4.05 -9.16 -27.46
C VAL A 529 -5.07 -8.06 -27.82
N ARG A 530 -6.28 -8.22 -27.35
CA ARG A 530 -7.38 -7.22 -27.55
C ARG A 530 -6.97 -5.86 -26.98
N GLY A 531 -6.39 -5.84 -25.77
CA GLY A 531 -5.79 -4.60 -25.20
C GLY A 531 -4.81 -3.95 -26.15
N SER A 532 -3.91 -4.73 -26.74
CA SER A 532 -2.90 -4.22 -27.68
C SER A 532 -3.59 -3.60 -28.91
N HIS A 533 -4.53 -4.31 -29.53
CA HIS A 533 -5.25 -3.77 -30.72
C HIS A 533 -5.86 -2.41 -30.36
N PHE A 534 -6.49 -2.36 -29.19
CA PHE A 534 -7.33 -1.20 -28.81
C PHE A 534 -6.41 0.00 -28.55
N PHE A 535 -5.29 -0.22 -27.87
CA PHE A 535 -4.41 0.88 -27.40
C PHE A 535 -3.36 1.24 -28.46
N TYR A 536 -3.21 0.45 -29.53
CA TYR A 536 -2.23 0.77 -30.59
C TYR A 536 -2.92 0.81 -31.95
N GLN A 537 -4.07 1.47 -32.05
CA GLN A 537 -4.78 1.54 -33.35
C GLN A 537 -3.93 2.41 -34.28
N TYR A 538 -3.77 2.00 -35.53
CA TYR A 538 -2.85 2.65 -36.50
C TYR A 538 -3.54 3.87 -37.12
N ALA A 545 -3.80 10.93 -30.03
CA ALA A 545 -3.24 9.81 -29.22
C ALA A 545 -3.44 10.10 -27.72
N GLU A 546 -3.11 11.32 -27.29
CA GLU A 546 -3.32 11.78 -25.90
C GLU A 546 -4.80 12.04 -25.68
N SER A 547 -5.44 12.81 -26.55
CA SER A 547 -6.88 13.15 -26.45
C SER A 547 -7.72 11.86 -26.46
N TRP A 548 -7.39 10.91 -27.33
CA TRP A 548 -8.20 9.66 -27.48
C TRP A 548 -8.10 8.84 -26.18
N THR A 549 -6.90 8.76 -25.62
CA THR A 549 -6.63 8.02 -24.35
C THR A 549 -7.45 8.65 -23.23
N LYS A 550 -7.39 9.97 -23.14
CA LYS A 550 -8.10 10.73 -22.09
C LYS A 550 -9.60 10.52 -22.27
N LYS A 551 -10.08 10.53 -23.52
CA LYS A 551 -11.53 10.30 -23.77
C LYS A 551 -11.91 8.90 -23.26
N GLN A 552 -11.11 7.87 -23.55
CA GLN A 552 -11.45 6.49 -23.10
C GLN A 552 -11.43 6.42 -21.57
N GLY A 553 -10.40 7.00 -20.94
CA GLY A 553 -10.27 6.99 -19.47
C GLY A 553 -11.44 7.70 -18.83
N MET A 554 -11.85 8.82 -19.42
CA MET A 554 -12.98 9.63 -18.90
C MET A 554 -14.26 8.78 -18.95
N SER A 555 -14.55 8.10 -20.04
CA SER A 555 -15.87 7.41 -20.14
C SER A 555 -15.82 6.10 -19.35
N VAL A 556 -14.66 5.47 -19.23
CA VAL A 556 -14.64 4.10 -18.65
C VAL A 556 -14.28 4.14 -17.16
N LEU A 557 -13.44 5.07 -16.73
CA LEU A 557 -12.95 5.04 -15.34
C LEU A 557 -13.51 6.21 -14.51
N ILE A 558 -13.62 7.40 -15.08
CA ILE A 558 -13.82 8.64 -14.27
C ILE A 558 -15.31 8.90 -14.10
N HIS A 559 -16.06 8.99 -15.19
CA HIS A 559 -17.45 9.49 -15.21
C HIS A 559 -18.42 8.33 -15.19
N PRO A 560 -19.34 8.29 -14.21
CA PRO A 560 -20.45 7.32 -14.27
C PRO A 560 -21.34 7.60 -15.48
N ILE A 561 -22.03 6.55 -15.94
CA ILE A 561 -23.09 6.64 -16.96
C ILE A 561 -24.32 7.29 -16.33
N PRO A 562 -24.81 8.44 -16.82
CA PRO A 562 -26.07 8.98 -16.34
C PRO A 562 -27.16 7.89 -16.30
N LEU A 563 -27.81 7.73 -15.15
CA LEU A 563 -29.03 6.91 -15.01
C LEU A 563 -30.25 7.83 -15.01
N ASN A 564 -31.24 7.52 -15.83
CA ASN A 564 -32.60 8.11 -15.75
C ASN A 564 -33.38 7.32 -14.68
N GLU A 565 -32.85 7.26 -13.46
CA GLU A 565 -33.41 6.50 -12.31
C GLU A 565 -33.24 7.33 -11.04
N TYR B 34 -23.61 -5.23 18.08
CA TYR B 34 -22.66 -5.93 19.02
C TYR B 34 -21.41 -5.07 19.20
N PRO B 35 -20.63 -5.27 20.28
CA PRO B 35 -19.47 -4.42 20.60
C PRO B 35 -18.43 -4.31 19.49
N PRO B 36 -18.12 -3.09 18.99
CA PRO B 36 -16.98 -2.86 18.11
C PRO B 36 -15.68 -3.34 18.77
N ASN B 37 -15.04 -4.36 18.21
CA ASN B 37 -13.85 -5.02 18.80
C ASN B 37 -12.56 -4.38 18.25
N LEU B 38 -11.77 -3.77 19.14
CA LEU B 38 -10.48 -3.09 18.79
C LEU B 38 -9.46 -4.11 18.26
N TRP B 39 -9.56 -5.38 18.64
CA TRP B 39 -8.65 -6.42 18.10
C TRP B 39 -9.15 -6.98 16.75
N ASP B 40 -10.31 -6.58 16.25
CA ASP B 40 -10.83 -7.21 15.00
C ASP B 40 -10.26 -6.44 13.82
N TYR B 41 -9.39 -7.06 13.02
CA TYR B 41 -8.76 -6.40 11.83
C TYR B 41 -9.81 -6.08 10.76
N GLU B 42 -10.97 -6.73 10.77
CA GLU B 42 -12.04 -6.33 9.82
C GLU B 42 -12.55 -4.96 10.27
N PHE B 43 -12.75 -4.80 11.58
CA PHE B 43 -13.17 -3.51 12.13
C PHE B 43 -12.06 -2.49 11.88
N LEU B 44 -10.81 -2.83 12.21
CA LEU B 44 -9.72 -1.82 12.11
C LEU B 44 -9.56 -1.37 10.66
N GLN B 45 -9.76 -2.27 9.70
CA GLN B 45 -9.51 -1.97 8.28
C GLN B 45 -10.51 -0.94 7.78
N SER B 46 -11.63 -0.77 8.49
CA SER B 46 -12.75 0.10 8.06
C SER B 46 -12.55 1.54 8.52
N LEU B 47 -11.58 1.81 9.41
CA LEU B 47 -11.38 3.18 9.98
C LEU B 47 -10.74 4.09 8.92
N GLY B 48 -11.17 5.35 8.85
CA GLY B 48 -10.65 6.33 7.89
C GLY B 48 -11.59 6.53 6.71
N ASP B 49 -12.57 5.64 6.55
CA ASP B 49 -13.88 5.98 5.89
C ASP B 49 -14.74 6.75 6.89
N GLU B 54 -16.17 17.37 10.84
CA GLU B 54 -16.73 18.22 9.77
C GLU B 54 -15.61 19.09 9.20
N GLU B 55 -15.56 19.21 7.87
CA GLU B 55 -14.81 20.29 7.17
C GLU B 55 -15.32 21.65 7.67
N LYS B 56 -16.53 21.71 8.21
CA LYS B 56 -17.07 22.87 8.98
C LYS B 56 -16.05 23.27 10.06
N HIS B 57 -15.68 22.32 10.92
CA HIS B 57 -15.05 22.56 12.25
C HIS B 57 -13.53 22.67 12.10
N LEU B 58 -13.00 22.40 10.91
CA LEU B 58 -11.60 22.73 10.53
C LEU B 58 -11.40 24.26 10.58
N LYS B 59 -12.43 25.02 10.19
CA LYS B 59 -12.36 26.50 10.12
C LYS B 59 -12.32 27.04 11.55
N LEU B 60 -13.15 26.48 12.43
CA LEU B 60 -13.26 26.93 13.83
C LEU B 60 -11.94 26.62 14.55
N ALA B 61 -11.24 25.56 14.14
CA ALA B 61 -9.95 25.14 14.76
C ALA B 61 -8.87 26.19 14.47
N ASP B 62 -8.79 26.70 13.24
CA ASP B 62 -7.77 27.72 12.87
C ASP B 62 -8.07 29.00 13.69
N LYS B 63 -9.36 29.32 13.84
CA LYS B 63 -9.82 30.52 14.58
C LYS B 63 -9.47 30.39 16.07
N LEU B 64 -9.86 29.28 16.71
CA LEU B 64 -9.59 29.04 18.15
C LEU B 64 -8.09 28.96 18.38
N LYS B 65 -7.36 28.37 17.42
CA LYS B 65 -5.88 28.27 17.48
C LYS B 65 -5.30 29.68 17.65
N GLU B 66 -5.72 30.63 16.79
CA GLU B 66 -5.17 32.01 16.82
C GLU B 66 -5.59 32.69 18.14
N GLU B 67 -6.80 32.40 18.62
CA GLU B 67 -7.27 32.90 19.94
C GLU B 67 -6.34 32.37 21.04
N VAL B 68 -5.97 31.08 20.97
CA VAL B 68 -5.12 30.44 22.01
C VAL B 68 -3.70 31.00 21.89
N LYS B 69 -3.25 31.33 20.67
CA LYS B 69 -1.91 31.95 20.40
C LYS B 69 -1.84 33.29 21.14
N SER B 70 -2.88 34.10 21.03
CA SER B 70 -2.96 35.42 21.70
C SER B 70 -2.88 35.19 23.21
N LEU B 71 -3.67 34.26 23.75
CA LEU B 71 -3.70 33.96 25.21
C LEU B 71 -2.29 33.63 25.71
N ILE B 72 -1.51 32.85 24.96
CA ILE B 72 -0.14 32.44 25.38
C ILE B 72 0.78 33.67 25.40
N LYS B 73 0.58 34.60 24.46
CA LYS B 73 1.47 35.79 24.28
C LYS B 73 1.06 36.90 25.25
N GLN B 74 -0.22 36.98 25.61
CA GLN B 74 -0.77 38.14 26.36
C GLN B 74 -0.13 38.18 27.75
N THR B 75 -0.05 39.38 28.33
CA THR B 75 0.63 39.61 29.64
C THR B 75 -0.21 38.98 30.75
N MET B 76 0.43 38.15 31.57
CA MET B 76 -0.17 37.59 32.80
C MET B 76 0.87 37.69 33.91
N GLU B 77 0.43 37.56 35.16
CA GLU B 77 1.33 37.26 36.30
C GLU B 77 2.15 36.03 35.90
N PRO B 78 3.43 35.95 36.29
CA PRO B 78 4.33 34.95 35.75
C PRO B 78 3.89 33.55 36.20
N LEU B 79 3.37 33.42 37.42
CA LEU B 79 2.85 32.09 37.88
C LEU B 79 1.68 31.70 36.95
N THR B 80 0.75 32.64 36.69
CA THR B 80 -0.47 32.37 35.88
C THR B 80 -0.02 31.95 34.49
N LYS B 81 1.11 32.49 34.02
CA LYS B 81 1.71 32.22 32.69
C LYS B 81 2.25 30.79 32.65
N LEU B 82 3.02 30.40 33.67
CA LEU B 82 3.62 29.04 33.74
C LEU B 82 2.47 28.03 33.72
N GLU B 83 1.45 28.26 34.55
CA GLU B 83 0.32 27.32 34.74
C GLU B 83 -0.41 27.21 33.38
N PHE B 84 -0.53 28.33 32.67
CA PHE B 84 -1.24 28.39 31.37
C PHE B 84 -0.51 27.51 30.35
N ILE B 85 0.81 27.66 30.21
CA ILE B 85 1.60 26.86 29.23
C ILE B 85 1.79 25.44 29.76
N ASP B 86 1.87 25.21 31.07
CA ASP B 86 1.82 23.80 31.58
C ASP B 86 0.51 23.19 31.09
N THR B 87 -0.58 23.97 31.10
CA THR B 87 -1.91 23.45 30.73
C THR B 87 -1.90 23.09 29.25
N VAL B 88 -1.40 24.00 28.44
CA VAL B 88 -1.25 23.83 26.96
C VAL B 88 -0.50 22.52 26.73
N ARG B 89 0.62 22.32 27.43
CA ARG B 89 1.42 21.07 27.29
C ARG B 89 0.55 19.84 27.57
N ARG B 90 -0.21 19.85 28.68
CA ARG B 90 -0.87 18.61 29.16
C ARG B 90 -2.13 18.29 28.34
N LEU B 91 -2.72 19.31 27.70
CA LEU B 91 -3.79 19.15 26.67
C LEU B 91 -3.23 18.60 25.35
N GLY B 92 -1.92 18.35 25.27
CA GLY B 92 -1.29 17.75 24.09
C GLY B 92 -1.14 18.76 22.96
N LEU B 93 -1.05 20.06 23.29
CA LEU B 93 -1.18 21.15 22.28
C LEU B 93 0.16 21.86 22.08
N LYS B 94 1.21 21.46 22.80
CA LYS B 94 2.50 22.20 22.75
C LYS B 94 3.01 22.15 21.30
N TYR B 95 2.82 21.03 20.59
CA TYR B 95 3.27 20.90 19.18
C TYR B 95 2.65 22.01 18.30
N GLN B 96 1.51 22.60 18.68
CA GLN B 96 0.82 23.66 17.89
C GLN B 96 1.40 25.04 18.22
N PHE B 97 2.09 25.21 19.35
CA PHE B 97 2.49 26.56 19.85
C PHE B 97 3.93 26.54 20.37
N GLU B 98 4.86 25.86 19.67
CA GLU B 98 6.24 25.61 20.16
C GLU B 98 6.98 26.93 20.36
N THR B 99 6.81 27.88 19.44
CA THR B 99 7.53 29.18 19.46
C THR B 99 6.98 30.02 20.61
N GLU B 100 5.65 30.14 20.68
CA GLU B 100 4.92 30.96 21.68
C GLU B 100 5.17 30.41 23.09
N VAL B 101 5.26 29.09 23.27
CA VAL B 101 5.44 28.49 24.64
C VAL B 101 6.85 28.80 25.11
N LYS B 102 7.84 28.64 24.22
CA LYS B 102 9.28 28.88 24.51
C LYS B 102 9.50 30.37 24.86
N GLU B 103 9.02 31.26 24.00
CA GLU B 103 9.11 32.73 24.21
C GLU B 103 8.46 33.05 25.56
N ALA B 104 7.33 32.42 25.88
CA ALA B 104 6.64 32.56 27.17
C ALA B 104 7.59 32.13 28.30
N VAL B 105 8.24 30.98 28.16
CA VAL B 105 9.10 30.36 29.22
C VAL B 105 10.37 31.23 29.38
N VAL B 106 10.86 31.79 28.28
CA VAL B 106 12.08 32.66 28.29
C VAL B 106 11.75 33.96 29.03
N MET B 107 10.58 34.55 28.74
CA MET B 107 10.05 35.76 29.42
C MET B 107 10.02 35.52 30.93
N VAL B 108 9.48 34.38 31.38
CA VAL B 108 9.33 34.11 32.83
C VAL B 108 10.73 33.96 33.43
N SER B 109 11.66 33.34 32.70
CA SER B 109 13.02 33.07 33.23
C SER B 109 13.79 34.41 33.37
N LYS B 110 13.31 35.48 32.73
CA LYS B 110 14.01 36.80 32.71
C LYS B 110 13.29 37.78 33.63
N TYR B 111 12.06 37.46 34.05
CA TYR B 111 11.31 38.21 35.09
C TYR B 111 12.21 38.38 36.32
N GLU B 112 12.70 39.61 36.55
CA GLU B 112 13.91 39.86 37.36
C GLU B 112 13.58 39.77 38.86
N ASN B 113 12.32 40.07 39.22
CA ASN B 113 11.80 40.03 40.62
C ASN B 113 11.36 38.60 40.98
N ASP B 114 11.80 38.08 42.12
CA ASP B 114 11.64 36.65 42.51
C ASP B 114 10.56 36.46 43.58
N ALA B 115 9.97 37.55 44.12
CA ALA B 115 8.98 37.51 45.23
C ALA B 115 7.83 36.57 44.86
N TRP B 116 7.52 36.46 43.57
CA TRP B 116 6.32 35.75 43.07
C TRP B 116 6.42 34.22 43.29
N TRP B 117 7.62 33.64 43.45
CA TRP B 117 7.79 32.17 43.63
C TRP B 117 8.46 31.84 44.98
N ILE B 118 9.42 32.65 45.40
CA ILE B 118 10.17 32.49 46.69
C ILE B 118 9.17 32.25 47.84
N ASP B 119 9.43 31.25 48.67
CA ASP B 119 8.59 30.83 49.84
C ASP B 119 7.23 30.23 49.41
N ASN B 120 7.00 30.01 48.11
CA ASN B 120 5.73 29.41 47.63
C ASN B 120 6.04 28.08 46.94
N LEU B 121 5.68 26.97 47.60
CA LEU B 121 6.16 25.60 47.23
C LEU B 121 5.69 25.26 45.82
N HIS B 122 4.40 25.44 45.54
CA HIS B 122 3.78 25.23 44.20
C HIS B 122 4.60 25.99 43.16
N ALA B 123 4.84 27.29 43.37
CA ALA B 123 5.44 28.20 42.37
C ALA B 123 6.94 27.87 42.13
N THR B 124 7.69 27.50 43.17
CA THR B 124 9.13 27.13 43.09
C THR B 124 9.27 25.87 42.23
N SER B 125 8.35 24.92 42.45
CA SER B 125 8.40 23.55 41.89
C SER B 125 7.96 23.62 40.42
N LEU B 126 6.91 24.39 40.12
CA LEU B 126 6.42 24.57 38.72
C LEU B 126 7.49 25.31 37.90
N ARG B 127 8.12 26.34 38.48
CA ARG B 127 9.14 27.17 37.77
C ARG B 127 10.36 26.28 37.52
N PHE B 128 10.74 25.48 38.52
CA PHE B 128 11.83 24.50 38.38
C PHE B 128 11.55 23.60 37.17
N ARG B 129 10.37 22.99 37.12
CA ARG B 129 10.09 21.85 36.21
C ARG B 129 10.02 22.43 34.81
N ILE B 130 9.23 23.49 34.62
CA ILE B 130 8.99 24.14 33.29
C ILE B 130 10.32 24.65 32.74
N MET B 131 11.16 25.24 33.59
CA MET B 131 12.47 25.79 33.15
C MET B 131 13.36 24.62 32.70
N ARG B 132 13.48 23.57 33.50
CA ARG B 132 14.35 22.43 33.13
C ARG B 132 13.79 21.76 31.86
N GLU B 133 12.46 21.73 31.74
CA GLU B 133 11.74 21.11 30.59
C GLU B 133 12.11 21.85 29.31
N ASN B 134 12.45 23.13 29.41
CA ASN B 134 12.81 23.94 28.22
C ASN B 134 14.31 24.20 28.16
N GLY B 135 15.11 23.39 28.87
CA GLY B 135 16.58 23.45 28.84
C GLY B 135 17.15 24.71 29.50
N ILE B 136 16.38 25.40 30.36
CA ILE B 136 16.93 26.51 31.19
C ILE B 136 17.21 25.95 32.58
N PHE B 137 18.49 25.94 32.96
CA PHE B 137 18.95 25.31 34.22
C PHE B 137 18.37 26.10 35.40
N VAL B 138 17.80 25.36 36.34
CA VAL B 138 17.47 25.84 37.71
C VAL B 138 18.14 24.89 38.69
N PRO B 139 18.78 25.41 39.76
CA PRO B 139 19.49 24.58 40.72
C PRO B 139 18.47 24.00 41.71
N GLN B 140 18.74 22.81 42.24
CA GLN B 140 17.94 22.14 43.28
C GLN B 140 17.91 22.99 44.56
N ASP B 141 18.71 24.06 44.62
CA ASP B 141 18.79 24.94 45.81
C ASP B 141 17.55 25.82 45.89
N VAL B 142 16.77 25.95 44.80
CA VAL B 142 15.53 26.77 44.80
C VAL B 142 14.56 26.17 45.83
N PHE B 143 14.88 25.00 46.38
CA PHE B 143 14.01 24.24 47.32
C PHE B 143 14.60 24.30 48.73
N GLU B 144 15.50 25.26 48.94
CA GLU B 144 16.19 25.44 50.24
C GLU B 144 15.21 26.07 51.24
N ARG B 145 14.43 27.07 50.79
CA ARG B 145 13.45 27.77 51.67
C ARG B 145 12.36 26.83 52.17
N PHE B 146 12.33 25.58 51.71
CA PHE B 146 11.25 24.63 52.09
C PHE B 146 11.84 23.51 52.92
N LYS B 147 13.15 23.57 53.12
CA LYS B 147 13.81 22.50 53.89
C LYS B 147 14.85 23.11 54.82
N ASP B 148 15.45 22.29 55.67
CA ASP B 148 16.58 22.79 56.50
C ASP B 148 17.63 21.68 56.49
N THR B 149 18.47 21.65 57.51
CA THR B 149 19.53 20.61 57.59
C THR B 149 18.88 19.24 57.85
N ASP B 150 17.69 19.23 58.46
CA ASP B 150 16.99 17.96 58.80
C ASP B 150 16.04 17.55 57.67
N GLY B 151 15.95 18.37 56.62
CA GLY B 151 15.12 18.02 55.45
C GLY B 151 13.92 18.94 55.26
N PHE B 152 12.96 18.54 54.44
CA PHE B 152 11.73 19.31 54.20
C PHE B 152 10.86 19.36 55.47
N LYS B 153 10.30 20.54 55.77
CA LYS B 153 9.47 20.75 56.98
C LYS B 153 8.20 19.90 56.96
N ASN B 154 7.91 19.23 58.07
CA ASN B 154 6.75 18.31 58.14
C ASN B 154 5.47 19.15 58.08
N GLN B 155 5.62 20.47 58.09
CA GLN B 155 4.44 21.37 58.06
C GLN B 155 3.89 21.45 56.63
N LEU B 156 4.51 20.76 55.68
CA LEU B 156 4.08 20.88 54.26
C LEU B 156 3.06 19.78 53.91
N CYS B 157 2.66 18.96 54.89
CA CYS B 157 1.73 17.82 54.68
C CYS B 157 0.33 18.26 54.22
N GLU B 158 -0.01 19.53 54.37
CA GLU B 158 -1.39 19.98 54.01
C GLU B 158 -1.37 20.87 52.77
N ASP B 159 -0.19 21.22 52.24
CA ASP B 159 -0.11 22.01 50.99
C ASP B 159 -0.15 21.04 49.81
N VAL B 160 -1.29 20.40 49.56
CA VAL B 160 -1.41 19.36 48.49
C VAL B 160 -0.90 19.87 47.14
N LYS B 161 -1.34 21.04 46.71
CA LYS B 161 -0.94 21.56 45.38
C LYS B 161 0.58 21.68 45.36
N GLY B 162 1.15 22.19 46.46
CA GLY B 162 2.60 22.33 46.57
C GLY B 162 3.29 20.99 46.62
N LEU B 163 2.74 20.04 47.39
CA LEU B 163 3.30 18.66 47.45
C LEU B 163 3.28 18.07 46.03
N LEU B 164 2.22 18.31 45.27
CA LEU B 164 2.06 17.60 43.97
C LEU B 164 3.07 18.20 42.98
N SER B 165 3.20 19.53 42.97
CA SER B 165 4.12 20.26 42.07
C SER B 165 5.57 19.93 42.43
N LEU B 166 5.84 19.71 43.73
CA LEU B 166 7.17 19.29 44.22
C LEU B 166 7.50 17.90 43.66
N TYR B 167 6.61 16.94 43.91
CA TYR B 167 6.64 15.57 43.36
C TYR B 167 6.96 15.62 41.84
N GLU B 168 6.16 16.33 41.05
CA GLU B 168 6.26 16.31 39.54
C GLU B 168 7.64 16.87 39.14
N ALA B 169 8.12 17.91 39.83
CA ALA B 169 9.39 18.64 39.52
C ALA B 169 10.58 17.77 39.87
N SER B 170 10.43 16.87 40.86
CA SER B 170 11.51 16.00 41.37
C SER B 170 12.09 15.15 40.23
N PHE B 171 11.27 14.76 39.27
CA PHE B 171 11.68 13.78 38.23
C PHE B 171 12.45 14.48 37.10
N LEU B 172 12.60 15.81 37.18
CA LEU B 172 13.49 16.59 36.28
C LEU B 172 14.92 16.62 36.81
N GLY B 173 15.19 15.95 37.94
CA GLY B 173 16.50 15.95 38.60
C GLY B 173 17.52 15.11 37.86
N TRP B 174 18.81 15.38 38.10
CA TRP B 174 19.99 14.64 37.53
C TRP B 174 20.67 13.83 38.64
N GLU B 175 21.64 12.99 38.26
CA GLU B 175 22.43 12.21 39.24
C GLU B 175 23.18 13.16 40.18
N GLY B 176 23.30 12.77 41.44
CA GLY B 176 23.97 13.60 42.46
C GLY B 176 23.16 14.83 42.84
N GLU B 177 21.92 15.01 42.34
CA GLU B 177 21.09 16.13 42.83
C GLU B 177 20.20 15.61 43.98
N ASP B 178 20.70 15.62 45.21
CA ASP B 178 20.16 14.79 46.32
C ASP B 178 18.90 15.43 46.95
N ILE B 179 18.81 16.76 46.98
CA ILE B 179 17.61 17.50 47.46
C ILE B 179 16.38 17.09 46.61
N LEU B 180 16.60 16.87 45.32
CA LEU B 180 15.53 16.44 44.37
C LEU B 180 15.10 15.02 44.71
N ASP B 181 16.09 14.17 44.99
CA ASP B 181 15.85 12.78 45.45
C ASP B 181 15.03 12.76 46.75
N GLU B 182 15.37 13.65 47.69
CA GLU B 182 14.66 13.69 49.00
C GLU B 182 13.25 14.23 48.79
N ALA B 183 13.09 15.25 47.94
CA ALA B 183 11.77 15.87 47.62
C ALA B 183 10.77 14.78 47.21
N ARG B 184 11.18 13.90 46.29
CA ARG B 184 10.34 12.81 45.75
C ARG B 184 9.84 11.91 46.89
N THR B 185 10.76 11.38 47.71
CA THR B 185 10.44 10.35 48.74
C THR B 185 9.48 11.00 49.75
N PHE B 186 9.68 12.29 50.00
CA PHE B 186 8.88 13.11 50.95
C PHE B 186 7.49 13.40 50.37
N ALA B 187 7.39 14.05 49.20
CA ALA B 187 6.10 14.40 48.55
C ALA B 187 5.27 13.13 48.35
N THR B 188 5.92 12.01 48.02
CA THR B 188 5.29 10.70 47.73
C THR B 188 4.54 10.23 48.99
N SER B 189 5.19 10.31 50.15
CA SER B 189 4.65 9.84 51.45
C SER B 189 3.48 10.74 51.87
N LYS B 190 3.66 12.06 51.80
CA LYS B 190 2.65 13.05 52.24
C LYS B 190 1.40 12.99 51.34
N LEU B 191 1.61 12.86 50.02
CA LEU B 191 0.50 12.74 49.04
C LEU B 191 -0.27 11.44 49.33
N LYS B 192 0.44 10.31 49.51
CA LYS B 192 -0.23 9.01 49.80
C LYS B 192 -1.10 9.14 51.06
N SER B 193 -0.67 9.96 51.99
CA SER B 193 -1.39 10.07 53.29
C SER B 193 -2.67 10.89 53.14
N ILE B 194 -2.65 11.94 52.33
CA ILE B 194 -3.85 12.83 52.25
C ILE B 194 -4.78 12.36 51.14
N GLU B 195 -4.42 11.29 50.44
CA GLU B 195 -5.25 10.84 49.30
C GLU B 195 -6.64 10.49 49.84
N GLY B 196 -7.68 11.00 49.19
CA GLY B 196 -9.07 10.74 49.64
C GLY B 196 -9.54 11.81 50.59
N LYS B 197 -8.67 12.76 50.90
CA LYS B 197 -9.01 13.84 51.85
C LYS B 197 -8.83 15.15 51.11
N ILE B 198 -8.93 15.09 49.78
CA ILE B 198 -8.77 16.32 48.94
C ILE B 198 -10.14 16.81 48.48
N PRO B 199 -10.59 18.00 48.92
CA PRO B 199 -11.88 18.54 48.49
C PRO B 199 -12.00 18.91 47.00
N SER B 200 -10.95 19.52 46.43
CA SER B 200 -10.96 19.89 45.00
C SER B 200 -11.07 18.63 44.14
N PRO B 201 -12.10 18.53 43.28
CA PRO B 201 -12.23 17.39 42.39
C PRO B 201 -11.01 17.23 41.45
N SER B 202 -10.63 18.29 40.75
CA SER B 202 -9.50 18.23 39.80
C SER B 202 -8.21 17.83 40.54
N LEU B 203 -7.97 18.42 41.71
CA LEU B 203 -6.71 18.19 42.47
C LEU B 203 -6.67 16.74 42.98
N ALA B 204 -7.79 16.16 43.39
CA ALA B 204 -7.81 14.76 43.92
C ALA B 204 -7.44 13.81 42.78
N LYS B 205 -8.03 14.03 41.61
CA LYS B 205 -7.77 13.20 40.41
C LYS B 205 -6.29 13.31 40.04
N LYS B 206 -5.73 14.53 40.06
CA LYS B 206 -4.33 14.80 39.64
C LYS B 206 -3.39 14.04 40.58
N VAL B 207 -3.66 14.03 41.90
CA VAL B 207 -2.76 13.35 42.89
C VAL B 207 -2.74 11.85 42.61
N SER B 208 -3.92 11.24 42.40
CA SER B 208 -4.05 9.77 42.24
C SER B 208 -3.28 9.35 40.97
N HIS B 209 -3.48 10.12 39.91
CA HIS B 209 -2.83 9.96 38.60
C HIS B 209 -1.30 10.08 38.77
N ALA B 210 -0.81 11.11 39.46
CA ALA B 210 0.65 11.36 39.62
C ALA B 210 1.35 10.19 40.34
N LEU B 211 0.72 9.63 41.38
CA LEU B 211 1.28 8.57 42.24
C LEU B 211 1.39 7.25 41.44
N ASP B 212 0.47 7.00 40.51
CA ASP B 212 0.67 5.90 39.51
C ASP B 212 1.89 6.20 38.61
N LEU B 213 1.92 7.37 37.98
CA LEU B 213 3.03 7.73 37.07
C LEU B 213 3.22 9.23 37.10
N PRO B 214 4.44 9.71 37.33
CA PRO B 214 4.69 11.14 37.23
C PRO B 214 4.41 11.61 35.79
N LEU B 215 3.98 12.86 35.64
CA LEU B 215 3.73 13.50 34.34
C LEU B 215 4.95 13.27 33.44
N HIS B 216 6.16 13.38 33.98
CA HIS B 216 7.42 13.29 33.20
C HIS B 216 7.55 11.92 32.51
N TRP B 217 6.90 10.90 33.06
CA TRP B 217 7.04 9.50 32.59
C TRP B 217 5.82 9.13 31.72
N ARG B 218 4.86 10.04 31.54
CA ARG B 218 3.59 9.70 30.84
C ARG B 218 3.74 10.09 29.36
N THR B 219 2.96 9.47 28.47
CA THR B 219 3.03 9.82 27.04
C THR B 219 2.31 11.14 26.90
N ILE B 220 2.65 11.93 25.87
CA ILE B 220 1.90 13.18 25.57
C ILE B 220 0.45 12.87 25.13
N ARG B 221 0.23 11.97 24.18
CA ARG B 221 -1.10 11.81 23.52
C ARG B 221 -2.13 11.15 24.48
N TYR B 222 -1.74 10.11 25.22
CA TYR B 222 -2.66 9.39 26.14
C TYR B 222 -2.99 10.31 27.33
N GLU B 223 -1.99 11.06 27.80
CA GLU B 223 -2.19 12.09 28.84
C GLU B 223 -3.18 13.13 28.34
N ALA B 224 -3.07 13.52 27.07
CA ALA B 224 -3.88 14.63 26.56
C ALA B 224 -5.38 14.24 26.70
N ARG B 225 -5.75 13.01 26.36
CA ARG B 225 -7.19 12.61 26.40
C ARG B 225 -7.68 12.63 27.85
N TRP B 226 -6.86 12.12 28.76
CA TRP B 226 -7.16 12.10 30.22
C TRP B 226 -7.37 13.54 30.73
N PHE B 227 -6.47 14.44 30.35
CA PHE B 227 -6.36 15.79 30.95
C PHE B 227 -7.50 16.68 30.44
N ILE B 228 -7.96 16.47 29.19
CA ILE B 228 -9.14 17.20 28.65
C ILE B 228 -10.30 17.04 29.65
N ASP B 229 -10.50 15.83 30.17
CA ASP B 229 -11.60 15.51 31.13
C ASP B 229 -11.34 16.19 32.49
N THR B 230 -10.14 16.06 33.03
CA THR B 230 -9.72 16.67 34.32
C THR B 230 -9.75 18.20 34.25
N TYR B 231 -9.10 18.78 33.24
CA TYR B 231 -9.08 20.25 33.04
C TYR B 231 -10.50 20.82 33.08
N GLU B 232 -11.46 20.15 32.44
CA GLU B 232 -12.86 20.66 32.34
C GLU B 232 -13.46 20.85 33.74
N GLU B 233 -12.97 20.12 34.77
CA GLU B 233 -13.46 20.25 36.18
C GLU B 233 -12.65 21.27 36.99
N GLU B 234 -11.63 21.92 36.42
CA GLU B 234 -10.77 22.87 37.19
C GLU B 234 -11.51 24.17 37.43
N GLU B 235 -11.18 24.85 38.52
CA GLU B 235 -11.73 26.18 38.86
C GLU B 235 -11.29 27.15 37.78
N ASP B 236 -10.03 27.10 37.33
CA ASP B 236 -9.45 28.17 36.48
C ASP B 236 -9.52 27.81 34.98
N VAL B 237 -10.51 26.99 34.57
CA VAL B 237 -10.58 26.40 33.20
C VAL B 237 -10.86 27.53 32.20
N ASN B 238 -10.10 27.60 31.12
CA ASN B 238 -10.32 28.60 30.03
C ASN B 238 -11.07 27.91 28.89
N LEU B 239 -12.32 28.31 28.65
CA LEU B 239 -13.29 27.54 27.80
C LEU B 239 -12.81 27.57 26.34
N THR B 240 -12.10 28.63 25.92
CA THR B 240 -11.51 28.73 24.57
C THR B 240 -10.40 27.67 24.42
N LEU B 241 -9.49 27.55 25.39
CA LEU B 241 -8.44 26.50 25.40
C LEU B 241 -9.09 25.11 25.44
N LEU B 242 -10.04 24.89 26.35
CA LEU B 242 -10.69 23.56 26.45
C LEU B 242 -11.31 23.19 25.10
N ARG B 243 -12.13 24.08 24.53
CA ARG B 243 -12.85 23.86 23.24
C ARG B 243 -11.81 23.54 22.16
N TYR B 244 -10.70 24.28 22.11
CA TYR B 244 -9.64 24.05 21.09
C TYR B 244 -8.94 22.70 21.35
N ALA B 245 -8.63 22.38 22.60
CA ALA B 245 -8.08 21.05 23.01
C ALA B 245 -8.94 19.92 22.42
N LYS B 246 -10.26 20.01 22.56
CA LYS B 246 -11.19 18.96 22.10
C LYS B 246 -11.15 18.91 20.58
N LEU B 247 -11.22 20.07 19.92
CA LEU B 247 -11.37 20.13 18.43
C LEU B 247 -10.07 19.61 17.79
N ASP B 248 -8.93 20.08 18.27
CA ASP B 248 -7.63 19.61 17.73
C ASP B 248 -7.52 18.09 17.95
N PHE B 249 -7.95 17.60 19.12
CA PHE B 249 -7.73 16.17 19.46
C PHE B 249 -8.52 15.32 18.44
N ASN B 250 -9.75 15.69 18.15
CA ASN B 250 -10.61 14.95 17.19
C ASN B 250 -10.01 15.06 15.77
N ILE B 251 -9.48 16.22 15.39
CA ILE B 251 -8.85 16.39 14.05
C ILE B 251 -7.64 15.45 13.98
N VAL B 252 -6.79 15.51 14.99
CA VAL B 252 -5.59 14.61 15.03
C VAL B 252 -6.07 13.16 15.00
N GLN B 253 -7.12 12.84 15.77
CA GLN B 253 -7.65 11.45 15.87
C GLN B 253 -8.04 10.99 14.46
N SER B 254 -8.67 11.85 13.67
CA SER B 254 -9.11 11.47 12.30
C SER B 254 -7.87 11.02 11.49
N PHE B 255 -6.75 11.74 11.61
CA PHE B 255 -5.46 11.40 10.95
C PHE B 255 -5.02 9.99 11.36
N HIS B 256 -5.01 9.72 12.66
CA HIS B 256 -4.64 8.39 13.21
C HIS B 256 -5.56 7.30 12.63
N GLN B 257 -6.86 7.55 12.53
CA GLN B 257 -7.76 6.47 12.06
C GLN B 257 -7.37 6.07 10.63
N LYS B 258 -6.98 7.02 9.78
CA LYS B 258 -6.59 6.72 8.38
C LYS B 258 -5.34 5.83 8.43
N GLU B 259 -4.47 6.08 9.42
CA GLU B 259 -3.19 5.35 9.61
C GLU B 259 -3.50 3.90 9.98
N ILE B 260 -4.41 3.71 10.91
CA ILE B 260 -4.75 2.35 11.39
C ILE B 260 -5.38 1.51 10.26
N GLY B 261 -6.29 2.09 9.49
CA GLY B 261 -6.86 1.41 8.29
C GLY B 261 -5.77 0.88 7.36
N ARG B 262 -4.82 1.73 7.00
CA ARG B 262 -3.74 1.40 6.04
C ARG B 262 -2.89 0.29 6.65
N LEU B 263 -2.54 0.44 7.93
CA LEU B 263 -1.64 -0.54 8.61
C LEU B 263 -2.32 -1.89 8.76
N SER B 264 -3.63 -1.89 9.05
CA SER B 264 -4.43 -3.13 9.23
C SER B 264 -4.55 -3.87 7.89
N ARG B 265 -4.82 -3.14 6.81
CA ARG B 265 -4.86 -3.68 5.42
C ARG B 265 -3.50 -4.31 5.11
N TRP B 266 -2.40 -3.61 5.39
CA TRP B 266 -1.02 -4.14 5.27
C TRP B 266 -0.90 -5.45 6.06
N TRP B 267 -1.20 -5.38 7.36
CA TRP B 267 -1.06 -6.56 8.26
C TRP B 267 -1.81 -7.75 7.70
N VAL B 268 -3.07 -7.57 7.29
CA VAL B 268 -3.91 -8.69 6.78
C VAL B 268 -3.29 -9.20 5.47
N GLY B 269 -2.73 -8.27 4.67
CA GLY B 269 -2.00 -8.60 3.43
C GLY B 269 -0.76 -9.44 3.69
N THR B 270 -0.16 -9.34 4.86
CA THR B 270 1.02 -10.18 5.20
C THR B 270 0.59 -11.59 5.61
N GLY B 271 -0.65 -11.78 6.04
CA GLY B 271 -1.09 -13.08 6.57
C GLY B 271 -0.62 -13.35 7.98
N LEU B 272 0.05 -12.39 8.62
CA LEU B 272 0.64 -12.61 9.96
C LEU B 272 -0.43 -12.49 11.05
N ASP B 273 -1.60 -12.00 10.71
CA ASP B 273 -2.73 -11.91 11.67
C ASP B 273 -3.29 -13.31 11.89
N LYS B 274 -3.06 -14.20 10.93
CA LYS B 274 -3.62 -15.57 10.98
C LYS B 274 -2.55 -16.51 11.51
N MET B 275 -1.46 -15.93 12.00
CA MET B 275 -0.37 -16.76 12.54
C MET B 275 -0.74 -17.20 13.94
N PRO B 276 -0.35 -18.41 14.37
CA PRO B 276 -0.54 -18.81 15.76
C PRO B 276 0.65 -18.13 16.46
N PHE B 277 1.07 -18.60 17.61
CA PHE B 277 2.28 -18.05 18.28
C PHE B 277 2.22 -16.55 18.65
N ALA B 278 1.49 -15.70 17.94
CA ALA B 278 1.53 -14.26 18.23
C ALA B 278 0.16 -13.76 18.70
N ARG B 279 0.09 -12.50 19.17
CA ARG B 279 -1.18 -11.97 19.73
C ARG B 279 -1.77 -10.89 18.83
N ASN B 280 -1.94 -9.68 19.34
CA ASN B 280 -2.56 -8.60 18.54
C ASN B 280 -1.54 -8.06 17.53
N GLY B 281 -0.28 -7.87 17.93
CA GLY B 281 0.76 -7.49 16.96
C GLY B 281 0.66 -6.09 16.37
N LEU B 282 -0.13 -5.90 15.32
CA LEU B 282 -0.09 -4.60 14.61
C LEU B 282 -0.79 -3.55 15.48
N ILE B 283 -1.96 -3.85 16.05
CA ILE B 283 -2.76 -2.77 16.70
C ILE B 283 -2.01 -2.34 17.97
N GLN B 284 -1.38 -3.30 18.65
CA GLN B 284 -0.66 -2.99 19.89
C GLN B 284 0.57 -2.17 19.50
N SER B 285 1.25 -2.54 18.41
CA SER B 285 2.45 -1.82 17.94
C SER B 285 2.04 -0.40 17.64
N TYR B 286 0.89 -0.24 16.98
CA TYR B 286 0.47 1.14 16.65
C TYR B 286 0.24 1.94 17.94
N MET B 287 -0.44 1.35 18.94
CA MET B 287 -0.82 2.11 20.17
C MET B 287 0.46 2.64 20.83
N TYR B 288 1.48 1.83 20.85
CA TYR B 288 2.84 2.23 21.29
C TYR B 288 3.37 3.43 20.51
N ALA B 289 3.34 3.33 19.19
CA ALA B 289 3.94 4.31 18.26
C ALA B 289 3.30 5.68 18.51
N ILE B 290 2.01 5.68 18.87
CA ILE B 290 1.28 6.92 19.27
C ILE B 290 1.94 7.54 20.49
N GLY B 291 2.51 6.74 21.41
CA GLY B 291 3.31 7.25 22.54
C GLY B 291 4.65 7.82 22.08
N MET B 292 5.27 7.15 21.12
CA MET B 292 6.58 7.57 20.60
C MET B 292 6.36 8.89 19.84
N LEU B 293 5.38 8.95 18.93
CA LEU B 293 5.08 10.20 18.15
C LEU B 293 3.62 10.22 17.67
N PHE B 294 2.89 11.30 17.92
CA PHE B 294 1.45 11.35 17.59
C PHE B 294 1.21 12.42 16.50
N GLU B 295 2.18 13.27 16.19
CA GLU B 295 1.91 14.50 15.38
C GLU B 295 1.49 14.09 13.97
N PRO B 296 0.37 14.61 13.43
CA PRO B 296 -0.02 14.32 12.04
C PRO B 296 1.13 14.50 11.03
N ASN B 297 2.03 15.47 11.25
CA ASN B 297 3.14 15.74 10.30
C ASN B 297 4.21 14.63 10.31
N LEU B 298 4.19 13.75 11.30
CA LEU B 298 5.12 12.59 11.35
C LEU B 298 4.40 11.27 11.03
N GLY B 299 3.32 11.34 10.25
CA GLY B 299 2.50 10.15 9.98
C GLY B 299 3.25 9.02 9.29
N GLU B 300 3.92 9.32 8.18
CA GLU B 300 4.63 8.27 7.42
C GLU B 300 5.63 7.54 8.32
N VAL B 301 6.40 8.31 9.09
CA VAL B 301 7.44 7.69 9.97
C VAL B 301 6.74 6.81 11.01
N ARG B 302 5.64 7.31 11.58
CA ARG B 302 4.88 6.54 12.60
C ARG B 302 4.41 5.20 12.01
N GLU B 303 3.86 5.23 10.80
CA GLU B 303 3.37 4.00 10.15
C GLU B 303 4.51 3.00 10.01
N MET B 304 5.67 3.46 9.54
CA MET B 304 6.83 2.57 9.39
C MET B 304 7.32 2.06 10.75
N GLU B 305 7.37 2.94 11.75
CA GLU B 305 7.76 2.50 13.11
C GLU B 305 6.78 1.41 13.57
N ALA B 306 5.50 1.64 13.36
CA ALA B 306 4.46 0.65 13.76
C ALA B 306 4.68 -0.68 13.04
N LYS B 307 5.00 -0.61 11.75
CA LYS B 307 5.28 -1.87 11.03
C LYS B 307 6.45 -2.60 11.68
N VAL B 308 7.53 -1.87 11.94
CA VAL B 308 8.74 -2.52 12.48
C VAL B 308 8.38 -3.07 13.88
N GLY B 309 7.64 -2.29 14.65
CA GLY B 309 7.14 -2.73 15.96
C GLY B 309 6.38 -4.04 15.84
N ALA B 310 5.52 -4.17 14.81
CA ALA B 310 4.66 -5.36 14.66
C ALA B 310 5.51 -6.57 14.31
N LEU B 311 6.56 -6.38 13.51
CA LEU B 311 7.46 -7.48 13.14
C LEU B 311 8.33 -7.89 14.34
N ILE B 312 8.75 -6.93 15.15
CA ILE B 312 9.60 -7.27 16.32
C ILE B 312 8.76 -8.17 17.24
N THR B 313 7.52 -7.81 17.57
CA THR B 313 6.74 -8.68 18.50
C THR B 313 6.61 -10.07 17.88
N THR B 314 6.30 -10.14 16.58
CA THR B 314 6.11 -11.43 15.86
C THR B 314 7.38 -12.29 15.86
N ILE B 315 8.52 -11.71 15.52
CA ILE B 315 9.78 -12.50 15.38
C ILE B 315 10.33 -12.81 16.78
N ASP B 316 10.08 -11.92 17.73
CA ASP B 316 10.46 -12.21 19.14
C ASP B 316 9.78 -13.51 19.53
N ASP B 317 8.49 -13.66 19.24
CA ASP B 317 7.75 -14.92 19.55
C ASP B 317 8.28 -16.10 18.73
N VAL B 318 8.69 -15.87 17.48
CA VAL B 318 9.30 -16.96 16.66
C VAL B 318 10.56 -17.45 17.39
N TYR B 319 11.37 -16.52 17.86
CA TYR B 319 12.65 -16.89 18.50
C TYR B 319 12.44 -17.34 19.95
N ASP B 320 11.43 -16.81 20.64
CA ASP B 320 11.29 -17.11 22.09
C ASP B 320 10.19 -18.12 22.40
N VAL B 321 9.60 -18.80 21.41
CA VAL B 321 8.45 -19.71 21.73
C VAL B 321 8.13 -20.73 20.63
N TYR B 322 8.34 -20.41 19.35
CA TYR B 322 7.84 -21.32 18.29
C TYR B 322 8.98 -21.94 17.48
N GLY B 323 9.92 -21.12 17.07
CA GLY B 323 10.98 -21.61 16.17
C GLY B 323 11.88 -22.60 16.84
N THR B 324 12.36 -23.56 16.07
CA THR B 324 13.34 -24.49 16.64
C THR B 324 14.73 -23.97 16.35
N MET B 325 15.71 -24.41 17.12
CA MET B 325 17.15 -24.13 16.88
C MET B 325 17.47 -24.16 15.39
N GLU B 326 17.23 -25.28 14.72
CA GLU B 326 17.53 -25.50 13.28
C GLU B 326 16.95 -24.35 12.45
N GLU B 327 15.77 -23.88 12.82
CA GLU B 327 15.00 -22.89 12.01
C GLU B 327 15.59 -21.50 12.24
N LEU B 328 15.97 -21.19 13.48
CA LEU B 328 16.45 -19.84 13.85
C LEU B 328 17.77 -19.54 13.14
N GLU B 329 18.58 -20.56 12.81
CA GLU B 329 19.94 -20.34 12.24
C GLU B 329 19.83 -20.08 10.74
N LEU B 330 18.88 -20.71 10.07
CA LEU B 330 18.53 -20.36 8.65
C LEU B 330 18.03 -18.91 8.61
N PHE B 331 17.14 -18.54 9.54
CA PHE B 331 16.42 -17.24 9.59
C PHE B 331 17.46 -16.13 9.83
N THR B 332 18.18 -16.22 10.93
CA THR B 332 19.36 -15.37 11.26
C THR B 332 20.31 -15.26 10.07
N ASP B 333 20.70 -16.41 9.52
CA ASP B 333 21.70 -16.50 8.42
C ASP B 333 21.14 -15.83 7.16
N ILE B 334 19.85 -15.98 6.89
CA ILE B 334 19.25 -15.36 5.67
C ILE B 334 19.35 -13.85 5.90
N THR B 335 19.07 -13.44 7.12
CA THR B 335 19.01 -12.01 7.52
C THR B 335 20.41 -11.42 7.41
N ASN B 336 21.43 -12.12 7.92
CA ASN B 336 22.83 -11.67 7.94
C ASN B 336 23.29 -11.44 6.50
N ARG B 337 22.93 -12.34 5.60
CA ARG B 337 23.39 -12.26 4.19
C ARG B 337 22.42 -11.45 3.32
N TRP B 338 21.21 -11.12 3.81
CA TRP B 338 20.14 -10.44 3.01
C TRP B 338 19.98 -11.17 1.67
N ASP B 339 19.81 -12.49 1.75
CA ASP B 339 19.71 -13.40 0.59
C ASP B 339 18.60 -14.40 0.89
N ILE B 340 17.48 -14.31 0.17
CA ILE B 340 16.26 -15.11 0.51
C ILE B 340 16.24 -16.37 -0.36
N SER B 341 17.34 -16.68 -1.04
CA SER B 341 17.50 -17.91 -1.87
C SER B 341 16.97 -19.16 -1.14
N LYS B 342 17.27 -19.29 0.16
CA LYS B 342 17.02 -20.52 0.97
C LYS B 342 15.72 -20.43 1.78
N ALA B 343 14.98 -19.33 1.63
CA ALA B 343 13.70 -19.08 2.35
C ALA B 343 12.81 -20.32 2.27
N ASP B 344 12.78 -21.02 1.14
CA ASP B 344 11.81 -22.12 0.90
C ASP B 344 12.18 -23.34 1.75
N GLN B 345 13.29 -23.30 2.48
CA GLN B 345 13.66 -24.40 3.41
C GLN B 345 12.99 -24.19 4.76
N LEU B 346 12.49 -22.98 5.04
CA LEU B 346 11.69 -22.72 6.26
C LEU B 346 10.24 -23.08 6.01
N PRO B 347 9.54 -23.57 7.04
CA PRO B 347 8.11 -23.80 6.95
C PRO B 347 7.36 -22.46 6.92
N ARG B 348 6.14 -22.52 6.39
CA ARG B 348 5.22 -21.40 6.14
C ARG B 348 5.26 -20.39 7.29
N ASN B 349 5.08 -20.86 8.53
CA ASN B 349 4.77 -19.99 9.69
C ASN B 349 6.03 -19.24 10.12
N ILE B 350 7.18 -19.70 9.65
CA ILE B 350 8.48 -19.01 9.88
C ILE B 350 8.88 -18.23 8.61
N ARG B 351 8.65 -18.80 7.42
CA ARG B 351 9.01 -18.18 6.11
C ARG B 351 8.27 -16.86 5.90
N MET B 352 7.04 -16.78 6.37
CA MET B 352 6.18 -15.58 6.22
C MET B 352 6.70 -14.44 7.09
N PRO B 353 6.95 -14.61 8.41
CA PRO B 353 7.61 -13.55 9.18
C PRO B 353 8.91 -13.12 8.50
N LEU B 354 9.71 -14.07 8.03
CA LEU B 354 11.04 -13.76 7.47
C LEU B 354 10.87 -12.85 6.25
N LEU B 355 10.00 -13.23 5.33
CA LEU B 355 9.91 -12.54 4.02
C LEU B 355 9.20 -11.21 4.26
N THR B 356 8.33 -11.12 5.27
CA THR B 356 7.69 -9.84 5.62
C THR B 356 8.73 -8.87 6.21
N MET B 357 9.60 -9.35 7.08
CA MET B 357 10.73 -8.55 7.61
C MET B 357 11.61 -8.02 6.46
N PHE B 358 11.97 -8.88 5.55
CA PHE B 358 12.80 -8.58 4.35
C PHE B 358 12.13 -7.51 3.50
N ASN B 359 10.85 -7.74 3.16
CA ASN B 359 10.09 -6.87 2.24
C ASN B 359 9.84 -5.53 2.90
N THR B 360 9.50 -5.51 4.19
CA THR B 360 9.26 -4.25 4.93
C THR B 360 10.57 -3.47 5.11
N SER B 361 11.66 -4.14 5.40
CA SER B 361 12.97 -3.49 5.62
C SER B 361 13.43 -2.85 4.30
N ASN B 362 13.23 -3.56 3.19
CA ASN B 362 13.47 -3.05 1.83
C ASN B 362 12.60 -1.84 1.59
N ASP B 363 11.31 -1.88 1.94
CA ASP B 363 10.40 -0.73 1.72
C ASP B 363 10.86 0.48 2.55
N ILE B 364 11.24 0.29 3.80
CA ILE B 364 11.60 1.45 4.66
C ILE B 364 12.94 2.06 4.17
N GLY B 365 13.92 1.22 3.88
CA GLY B 365 15.17 1.63 3.21
C GLY B 365 14.90 2.44 1.97
N TYR B 366 13.98 1.95 1.15
CA TYR B 366 13.61 2.60 -0.12
C TYR B 366 12.99 3.97 0.19
N TRP B 367 12.10 4.05 1.19
CA TRP B 367 11.46 5.34 1.56
C TRP B 367 12.56 6.37 1.85
N ALA B 368 13.61 5.97 2.55
CA ALA B 368 14.75 6.86 2.84
C ALA B 368 15.34 7.36 1.51
N LEU B 369 15.50 6.48 0.53
CA LEU B 369 16.09 6.91 -0.77
C LEU B 369 15.14 7.90 -1.45
N LYS B 370 13.86 7.59 -1.52
CA LYS B 370 12.85 8.39 -2.24
C LYS B 370 12.69 9.78 -1.61
N GLU B 371 12.57 9.82 -0.29
CA GLU B 371 12.13 11.02 0.46
C GLU B 371 13.36 11.74 1.05
N ARG B 372 14.42 11.03 1.40
CA ARG B 372 15.54 11.58 2.21
C ARG B 372 16.84 11.57 1.39
N GLY B 373 16.84 10.95 0.22
CA GLY B 373 17.98 10.99 -0.71
C GLY B 373 19.06 10.02 -0.31
N PHE B 374 18.76 9.08 0.58
CA PHE B 374 19.78 8.11 1.06
C PHE B 374 19.18 6.70 1.15
N ASN B 375 19.79 5.74 0.44
CA ASN B 375 19.32 4.33 0.41
C ASN B 375 19.51 3.73 1.82
N GLY B 376 18.41 3.47 2.52
CA GLY B 376 18.47 3.03 3.92
C GLY B 376 18.45 1.53 4.06
N ILE B 377 18.49 0.76 2.97
CA ILE B 377 18.36 -0.72 3.06
C ILE B 377 19.56 -1.31 3.80
N PRO B 378 20.82 -0.93 3.51
CA PRO B 378 21.91 -1.49 4.30
C PRO B 378 21.65 -1.25 5.81
N CYS B 379 21.13 -0.09 6.20
CA CYS B 379 20.87 0.28 7.62
C CYS B 379 19.78 -0.62 8.22
N THR B 380 18.64 -0.75 7.55
CA THR B 380 17.52 -1.57 8.06
C THR B 380 17.97 -3.02 8.09
N ALA B 381 18.68 -3.52 7.08
CA ALA B 381 19.17 -4.91 7.11
C ALA B 381 20.13 -5.10 8.30
N LYS B 382 20.89 -4.08 8.65
CA LYS B 382 21.92 -4.26 9.72
C LYS B 382 21.22 -4.27 11.08
N VAL B 383 20.23 -3.39 11.31
CA VAL B 383 19.59 -3.37 12.66
C VAL B 383 18.81 -4.68 12.84
N TRP B 384 18.26 -5.27 11.78
CA TRP B 384 17.62 -6.61 11.89
C TRP B 384 18.67 -7.68 12.15
N SER B 385 19.78 -7.67 11.41
CA SER B 385 20.86 -8.65 11.65
C SER B 385 21.34 -8.55 13.12
N ASP B 386 21.52 -7.33 13.67
CA ASP B 386 22.02 -7.15 15.07
C ASP B 386 20.97 -7.70 16.05
N GLN B 387 19.71 -7.41 15.79
CA GLN B 387 18.58 -7.78 16.69
C GLN B 387 18.44 -9.31 16.71
N LEU B 388 18.69 -10.00 15.59
CA LEU B 388 18.52 -11.48 15.53
C LEU B 388 19.65 -12.12 16.32
N LYS B 389 20.82 -11.51 16.30
CA LYS B 389 21.99 -12.00 17.06
C LYS B 389 21.69 -11.84 18.54
N SER B 390 21.18 -10.68 18.94
CA SER B 390 20.76 -10.50 20.35
C SER B 390 19.77 -11.60 20.73
N TYR B 391 18.82 -11.93 19.86
CA TYR B 391 17.85 -13.02 20.13
C TYR B 391 18.55 -14.37 20.15
N THR B 392 19.64 -14.52 19.39
CA THR B 392 20.32 -15.84 19.29
C THR B 392 21.17 -16.08 20.54
N LYS B 393 21.66 -15.01 21.16
CA LYS B 393 22.43 -15.17 22.42
C LYS B 393 21.44 -15.54 23.51
N GLU B 394 20.31 -14.86 23.54
CA GLU B 394 19.29 -15.09 24.58
C GLU B 394 18.86 -16.55 24.56
N ALA B 395 18.76 -17.16 23.38
CA ALA B 395 18.23 -18.53 23.29
C ALA B 395 19.35 -19.53 23.55
N LYS B 396 20.59 -19.16 23.27
CA LYS B 396 21.72 -20.06 23.59
C LYS B 396 21.78 -20.14 25.11
N TRP B 397 21.64 -18.99 25.76
CA TRP B 397 21.70 -18.93 27.24
C TRP B 397 20.57 -19.75 27.87
N PHE B 398 19.60 -20.23 27.07
CA PHE B 398 18.47 -21.08 27.53
C PHE B 398 17.37 -20.22 28.16
N HIS B 402 23.57 -21.05 31.07
CA HIS B 402 24.40 -19.90 31.53
C HIS B 402 23.52 -18.94 32.33
N LYS B 403 24.13 -18.17 33.22
CA LYS B 403 23.43 -17.12 34.00
C LYS B 403 24.30 -15.88 34.03
N PRO B 404 23.95 -14.86 33.22
CA PRO B 404 24.79 -13.67 33.10
C PRO B 404 24.64 -12.68 34.26
N THR B 405 25.63 -11.82 34.44
CA THR B 405 25.54 -10.61 35.30
C THR B 405 24.41 -9.72 34.75
N LEU B 406 23.71 -9.02 35.64
CA LEU B 406 22.72 -8.00 35.22
C LEU B 406 23.38 -7.10 34.17
N GLU B 407 24.68 -6.82 34.29
CA GLU B 407 25.41 -6.02 33.28
C GLU B 407 25.46 -6.79 31.96
N GLU B 408 25.92 -8.04 31.98
CA GLU B 408 26.02 -8.88 30.76
C GLU B 408 24.64 -8.99 30.09
N TYR B 409 23.60 -9.29 30.86
CA TYR B 409 22.23 -9.49 30.31
C TYR B 409 21.76 -8.16 29.68
N LEU B 410 21.93 -7.03 30.37
CA LEU B 410 21.40 -5.74 29.86
C LEU B 410 22.19 -5.35 28.61
N ASP B 411 23.48 -5.70 28.52
CA ASP B 411 24.31 -5.39 27.33
C ASP B 411 23.60 -5.95 26.10
N ASN B 412 22.91 -7.08 26.25
CA ASN B 412 22.30 -7.81 25.12
C ASN B 412 20.80 -7.49 25.06
N ALA B 413 20.18 -7.38 26.22
CA ALA B 413 18.73 -7.20 26.40
C ALA B 413 18.31 -5.80 25.94
N LEU B 414 19.23 -4.81 25.94
CA LEU B 414 18.93 -3.43 25.42
C LEU B 414 18.92 -3.45 23.89
N VAL B 415 19.47 -4.50 23.26
CA VAL B 415 19.39 -4.75 21.79
C VAL B 415 18.14 -5.60 21.48
N SER B 416 17.90 -6.71 22.20
CA SER B 416 16.77 -7.63 21.93
C SER B 416 15.43 -6.93 22.17
N ILE B 417 15.36 -6.00 23.12
CA ILE B 417 14.11 -5.22 23.31
C ILE B 417 13.72 -4.56 21.97
N GLY B 418 14.64 -4.32 21.04
CA GLY B 418 14.30 -3.85 19.67
C GLY B 418 14.20 -2.34 19.58
N PHE B 419 14.64 -1.61 20.60
CA PHE B 419 14.61 -0.13 20.53
C PHE B 419 15.82 0.44 19.78
N PRO B 420 16.95 -0.28 19.66
CA PRO B 420 17.98 0.15 18.70
C PRO B 420 17.47 0.12 17.26
N ASN B 421 16.85 -1.01 16.90
CA ASN B 421 16.10 -1.16 15.61
C ASN B 421 15.17 0.04 15.45
N LEU B 422 14.27 0.27 16.40
CA LEU B 422 13.21 1.28 16.24
C LEU B 422 13.82 2.67 16.20
N LEU B 423 14.79 2.95 17.07
CA LEU B 423 15.32 4.32 17.19
C LEU B 423 16.29 4.57 16.04
N VAL B 424 17.18 3.63 15.71
CA VAL B 424 18.08 3.82 14.53
C VAL B 424 17.20 4.04 13.30
N THR B 425 16.06 3.35 13.19
CA THR B 425 15.18 3.49 12.00
C THR B 425 14.58 4.87 12.04
N SER B 426 14.12 5.32 13.21
CA SER B 426 13.45 6.64 13.34
C SER B 426 14.45 7.75 13.00
N TYR B 427 15.73 7.52 13.27
CA TYR B 427 16.81 8.50 12.99
C TYR B 427 17.10 8.49 11.48
N LEU B 428 17.24 7.30 10.89
CA LEU B 428 17.36 7.11 9.41
C LEU B 428 16.26 7.89 8.68
N LEU B 429 15.03 7.83 9.19
CA LEU B 429 13.87 8.47 8.50
C LEU B 429 13.77 9.98 8.71
N THR B 430 14.44 10.59 9.69
CA THR B 430 14.16 12.02 10.05
C THR B 430 15.40 12.93 10.06
N VAL B 431 16.59 12.41 10.32
CA VAL B 431 17.83 13.25 10.39
C VAL B 431 18.03 14.03 9.07
N GLU B 432 18.53 15.26 9.16
CA GLU B 432 18.86 16.06 7.96
C GLU B 432 20.15 15.49 7.38
N ASN B 433 20.22 15.32 6.05
CA ASN B 433 21.44 14.84 5.36
C ASN B 433 21.93 13.54 5.99
N PRO B 434 21.13 12.44 5.95
CA PRO B 434 21.64 11.18 6.49
C PRO B 434 22.86 10.77 5.66
N THR B 435 23.83 10.18 6.34
CA THR B 435 25.00 9.52 5.72
C THR B 435 25.25 8.22 6.46
N LYS B 436 26.03 7.32 5.87
CA LYS B 436 26.51 6.09 6.53
C LYS B 436 27.13 6.44 7.91
N GLU B 437 27.98 7.46 7.97
CA GLU B 437 28.81 7.77 9.16
C GLU B 437 27.86 8.12 10.32
N LYS B 438 26.87 8.96 10.05
CA LYS B 438 25.86 9.39 11.04
C LYS B 438 25.11 8.13 11.50
N LEU B 439 24.80 7.19 10.62
CA LEU B 439 24.02 5.98 10.99
C LEU B 439 24.86 4.98 11.79
N ASP B 440 26.14 4.83 11.45
CA ASP B 440 27.10 4.02 12.25
C ASP B 440 27.18 4.58 13.68
N TYR B 441 27.15 5.89 13.85
CA TYR B 441 27.27 6.53 15.18
C TYR B 441 26.00 6.24 16.01
N VAL B 442 24.80 6.47 15.47
CA VAL B 442 23.58 6.21 16.29
C VAL B 442 23.54 4.72 16.60
N ASN B 443 23.94 3.88 15.64
CA ASN B 443 23.87 2.41 15.86
C ASN B 443 24.98 1.97 16.81
N SER B 444 25.93 2.85 17.15
CA SER B 444 26.94 2.54 18.19
C SER B 444 26.31 2.73 19.58
N LEU B 445 25.12 3.34 19.64
CA LEU B 445 24.32 3.50 20.87
C LEU B 445 25.14 4.33 21.87
N PRO B 446 25.39 5.62 21.58
CA PRO B 446 26.00 6.50 22.57
C PRO B 446 25.01 6.69 23.73
N LEU B 447 25.49 7.32 24.80
CA LEU B 447 24.79 7.33 26.11
C LEU B 447 23.30 7.62 25.90
N PHE B 448 22.94 8.71 25.23
CA PHE B 448 21.57 9.26 25.20
C PHE B 448 20.66 8.13 24.70
N VAL B 449 21.11 7.45 23.64
CA VAL B 449 20.36 6.36 22.96
C VAL B 449 20.43 5.12 23.84
N ARG B 450 21.61 4.82 24.36
CA ARG B 450 21.85 3.61 25.16
C ARG B 450 20.93 3.65 26.39
N ALA B 451 20.71 4.85 26.96
CA ALA B 451 19.92 5.06 28.21
C ALA B 451 18.42 4.82 27.92
N SER B 452 17.91 5.35 26.80
CA SER B 452 16.52 5.05 26.33
C SER B 452 16.35 3.53 26.16
N CYS B 453 17.31 2.86 25.55
CA CYS B 453 17.23 1.42 25.23
C CYS B 453 17.19 0.64 26.54
N ILE B 454 18.10 0.91 27.47
CA ILE B 454 18.15 0.13 28.74
C ILE B 454 16.86 0.37 29.53
N LEU B 455 16.36 1.61 29.52
CA LEU B 455 15.12 1.99 30.22
C LEU B 455 13.95 1.18 29.67
N CYS B 456 13.80 1.12 28.34
CA CYS B 456 12.74 0.28 27.68
C CYS B 456 12.88 -1.17 28.13
N ARG B 457 14.07 -1.74 28.09
CA ARG B 457 14.24 -3.17 28.42
C ARG B 457 13.84 -3.32 29.90
N ILE B 458 14.33 -2.44 30.77
CA ILE B 458 14.09 -2.64 32.23
C ILE B 458 12.60 -2.50 32.54
N ILE B 459 11.93 -1.50 31.98
CA ILE B 459 10.49 -1.27 32.24
C ILE B 459 9.74 -2.51 31.77
N ASN B 460 10.15 -3.09 30.65
CA ASN B 460 9.53 -4.33 30.11
C ASN B 460 9.73 -5.43 31.18
N ASP B 461 10.94 -5.59 31.70
CA ASP B 461 11.27 -6.67 32.67
C ASP B 461 10.52 -6.49 33.99
N LEU B 462 10.26 -5.25 34.41
CA LEU B 462 9.49 -4.96 35.66
C LEU B 462 8.02 -5.39 35.48
N GLY B 463 7.54 -5.49 34.23
CA GLY B 463 6.11 -5.64 33.92
C GLY B 463 5.67 -7.08 33.63
N THR B 464 6.42 -8.10 34.06
CA THR B 464 5.91 -9.50 34.18
C THR B 464 5.55 -9.78 35.64
N LYS B 476 14.94 -11.10 31.98
CA LYS B 476 15.42 -11.81 33.20
C LYS B 476 16.21 -10.81 34.05
N SER B 477 15.81 -9.53 34.05
CA SER B 477 16.54 -8.49 34.81
C SER B 477 16.46 -8.79 36.32
N ILE B 478 15.27 -9.11 36.80
CA ILE B 478 15.09 -9.43 38.24
C ILE B 478 15.84 -10.73 38.55
N GLN B 479 15.62 -11.78 37.76
CA GLN B 479 16.30 -13.09 37.99
C GLN B 479 17.82 -12.90 37.92
N CYS B 480 18.32 -12.17 36.93
CA CYS B 480 19.80 -12.04 36.81
C CYS B 480 20.37 -11.43 38.10
N TYR B 481 19.84 -10.30 38.56
CA TYR B 481 20.42 -9.64 39.75
C TYR B 481 20.25 -10.56 40.97
N MET B 482 19.04 -11.09 41.16
CA MET B 482 18.75 -11.97 42.31
C MET B 482 19.35 -13.36 42.08
N GLY B 486 22.93 -12.44 44.98
CA GLY B 486 22.38 -13.46 45.89
C GLY B 486 21.32 -12.87 46.79
N ALA B 487 20.27 -12.29 46.20
CA ALA B 487 19.24 -11.48 46.90
C ALA B 487 17.83 -11.97 46.53
N SER B 488 16.81 -11.40 47.17
CA SER B 488 15.40 -11.82 46.99
C SER B 488 14.77 -11.04 45.84
N GLN B 489 13.60 -11.50 45.39
CA GLN B 489 12.77 -10.84 44.34
C GLN B 489 12.48 -9.40 44.76
N GLU B 490 11.95 -9.20 45.97
CA GLU B 490 11.47 -7.88 46.47
C GLU B 490 12.62 -6.87 46.34
N VAL B 491 13.79 -7.27 46.80
CA VAL B 491 14.99 -6.38 46.89
C VAL B 491 15.58 -6.22 45.50
N ALA B 492 15.41 -7.21 44.62
CA ALA B 492 15.92 -7.15 43.23
C ALA B 492 15.07 -6.15 42.46
N ARG B 493 13.76 -6.30 42.53
CA ARG B 493 12.75 -5.37 41.96
C ARG B 493 13.06 -3.94 42.39
N GLU B 494 13.00 -3.68 43.71
CA GLU B 494 13.31 -2.36 44.30
C GLU B 494 14.58 -1.81 43.65
N HIS B 495 15.59 -2.67 43.43
CA HIS B 495 16.93 -2.27 42.93
C HIS B 495 16.84 -1.89 41.44
N ILE B 496 16.01 -2.59 40.70
CA ILE B 496 15.79 -2.32 39.25
C ILE B 496 15.05 -0.99 39.15
N GLU B 497 13.97 -0.83 39.93
CA GLU B 497 13.20 0.46 40.02
C GLU B 497 14.22 1.59 40.24
N GLY B 498 15.27 1.31 41.03
CA GLY B 498 16.39 2.25 41.26
C GLY B 498 17.12 2.60 39.97
N LEU B 499 17.44 1.61 39.15
CA LEU B 499 18.15 1.79 37.85
C LEU B 499 17.27 2.63 36.89
N VAL B 500 15.96 2.42 36.91
CA VAL B 500 14.98 3.30 36.18
C VAL B 500 15.21 4.76 36.59
N ARG B 501 15.15 5.05 37.89
CA ARG B 501 15.30 6.43 38.38
C ARG B 501 16.65 6.98 37.88
N MET B 502 17.68 6.15 37.87
CA MET B 502 19.09 6.59 37.64
C MET B 502 19.23 6.89 36.15
N TRP B 503 18.64 6.04 35.31
CA TRP B 503 18.90 6.18 33.86
C TRP B 503 18.14 7.41 33.35
N TRP B 504 17.03 7.75 34.02
CA TRP B 504 16.15 8.91 33.72
C TRP B 504 16.87 10.22 34.02
N LYS B 505 17.57 10.26 35.15
CA LYS B 505 18.54 11.34 35.45
C LYS B 505 19.59 11.46 34.32
N ARG B 506 20.14 10.36 33.80
CA ARG B 506 21.16 10.38 32.71
C ARG B 506 20.53 10.93 31.43
N LEU B 507 19.34 10.43 31.04
CA LEU B 507 18.55 10.98 29.90
C LEU B 507 18.33 12.48 30.10
N ASN B 508 17.82 12.89 31.27
CA ASN B 508 17.45 14.30 31.55
C ASN B 508 18.67 15.20 31.29
N LYS B 509 19.83 14.80 31.84
CA LYS B 509 21.07 15.62 31.76
C LYS B 509 21.53 15.68 30.30
N CYS B 510 21.44 14.56 29.58
CA CYS B 510 21.83 14.45 28.14
C CYS B 510 21.17 15.57 27.35
N LEU B 511 19.91 15.92 27.67
CA LEU B 511 19.13 16.94 26.91
C LEU B 511 19.78 18.33 27.10
N PHE B 512 20.49 18.56 28.19
CA PHE B 512 21.26 19.81 28.40
C PHE B 512 22.63 19.73 27.72
N GLU B 513 23.14 18.53 27.45
CA GLU B 513 24.56 18.32 27.05
C GLU B 513 24.68 18.32 25.54
N PRO B 514 25.81 18.88 25.01
CA PRO B 514 26.06 18.95 23.57
C PRO B 514 25.73 17.63 22.88
N SER B 515 24.90 17.67 21.83
CA SER B 515 24.46 16.46 21.11
C SER B 515 24.61 16.67 19.61
N PRO B 516 24.98 15.61 18.86
CA PRO B 516 24.83 15.65 17.41
C PRO B 516 23.34 15.52 17.05
N PHE B 517 22.49 15.23 18.05
CA PHE B 517 21.04 14.97 17.80
C PHE B 517 20.18 16.23 17.92
N ALA B 518 19.09 16.21 17.17
CA ALA B 518 18.08 17.29 17.08
C ALA B 518 16.68 16.69 17.18
N GLU B 519 15.69 17.57 17.25
CA GLU B 519 14.27 17.20 17.04
C GLU B 519 14.10 16.68 15.61
N PRO B 520 13.19 15.71 15.33
CA PRO B 520 12.40 15.05 16.38
C PRO B 520 13.03 13.86 17.10
N PHE B 521 14.25 13.45 16.77
CA PHE B 521 14.86 12.23 17.36
C PHE B 521 15.03 12.37 18.89
N LEU B 522 15.31 13.58 19.38
CA LEU B 522 15.46 13.83 20.84
C LEU B 522 14.15 13.43 21.53
N SER B 523 13.04 13.91 21.00
CA SER B 523 11.69 13.56 21.50
C SER B 523 11.46 12.07 21.32
N PHE B 524 11.84 11.48 20.18
CA PHE B 524 11.56 10.04 19.95
C PHE B 524 12.22 9.23 21.07
N THR B 525 13.43 9.59 21.45
CA THR B 525 14.28 8.76 22.37
C THR B 525 13.72 8.82 23.82
N VAL B 526 13.20 9.96 24.24
CA VAL B 526 12.55 10.11 25.58
C VAL B 526 11.15 9.48 25.48
N ASN B 527 10.44 9.65 24.36
CA ASN B 527 9.00 9.30 24.33
C ASN B 527 8.81 7.78 24.25
N VAL B 528 9.79 7.02 23.74
CA VAL B 528 9.70 5.52 23.73
C VAL B 528 9.65 5.03 25.17
N VAL B 529 10.44 5.66 26.03
CA VAL B 529 10.48 5.26 27.46
C VAL B 529 9.10 5.50 28.07
N ARG B 530 8.49 6.66 27.78
CA ARG B 530 7.16 7.02 28.33
C ARG B 530 6.13 5.99 27.88
N GLY B 531 6.18 5.63 26.59
CA GLY B 531 5.34 4.56 26.03
C GLY B 531 5.52 3.28 26.82
N SER B 532 6.78 2.95 27.14
CA SER B 532 7.16 1.73 27.89
C SER B 532 6.52 1.81 29.29
N HIS B 533 6.64 2.95 29.97
CA HIS B 533 6.06 3.18 31.33
C HIS B 533 4.55 2.95 31.27
N PHE B 534 3.91 3.55 30.28
CA PHE B 534 2.44 3.61 30.20
C PHE B 534 1.86 2.23 29.90
N PHE B 535 2.48 1.44 29.02
CA PHE B 535 1.87 0.20 28.45
C PHE B 535 2.36 -1.06 29.18
N TYR B 536 3.62 -1.15 29.62
CA TYR B 536 4.20 -2.46 30.03
C TYR B 536 3.57 -2.95 31.34
N GLN B 537 3.11 -1.98 32.15
CA GLN B 537 2.33 -2.19 33.39
C GLN B 537 1.17 -3.17 33.13
N TYR B 538 0.65 -3.23 31.90
CA TYR B 538 -0.66 -3.86 31.55
C TYR B 538 -0.53 -4.73 30.30
N GLY B 539 0.53 -5.53 30.18
CA GLY B 539 0.83 -6.30 28.96
C GLY B 539 0.27 -7.72 28.98
N ASP B 540 -0.41 -8.12 30.06
CA ASP B 540 -0.65 -9.55 30.39
C ASP B 540 -1.50 -10.21 29.29
N GLY B 541 -2.36 -9.46 28.58
CA GLY B 541 -3.15 -9.93 27.42
C GLY B 541 -4.51 -10.51 27.81
N TYR B 542 -4.88 -10.41 29.08
CA TYR B 542 -6.18 -10.91 29.60
C TYR B 542 -6.58 -10.06 30.81
N GLY B 543 -7.80 -10.29 31.29
CA GLY B 543 -8.27 -9.75 32.57
C GLY B 543 -8.21 -8.23 32.58
N ASN B 544 -7.75 -7.67 33.71
CA ASN B 544 -7.75 -6.21 33.96
C ASN B 544 -6.87 -5.52 32.90
N ALA B 545 -5.72 -6.10 32.56
CA ALA B 545 -4.72 -5.44 31.70
C ALA B 545 -5.29 -5.32 30.28
N GLU B 546 -5.94 -6.37 29.82
CA GLU B 546 -6.60 -6.33 28.50
C GLU B 546 -7.71 -5.28 28.48
N SER B 547 -8.57 -5.20 29.48
CA SER B 547 -9.70 -4.23 29.43
C SER B 547 -9.15 -2.80 29.57
N TRP B 548 -8.11 -2.55 30.39
CA TRP B 548 -7.52 -1.18 30.50
C TRP B 548 -6.90 -0.82 29.13
N THR B 549 -6.28 -1.77 28.43
CA THR B 549 -5.58 -1.49 27.14
C THR B 549 -6.60 -1.18 26.04
N LYS B 550 -7.57 -2.07 25.88
CA LYS B 550 -8.79 -1.85 25.05
C LYS B 550 -9.36 -0.46 25.31
N LYS B 551 -9.48 -0.07 26.60
CA LYS B 551 -10.10 1.22 27.00
C LYS B 551 -9.23 2.39 26.52
N GLN B 552 -7.92 2.35 26.75
CA GLN B 552 -7.00 3.42 26.25
C GLN B 552 -7.19 3.51 24.73
N GLY B 553 -7.17 2.34 24.08
CA GLY B 553 -7.29 2.20 22.61
C GLY B 553 -8.54 2.91 22.10
N MET B 554 -9.68 2.57 22.72
CA MET B 554 -11.03 3.09 22.35
C MET B 554 -11.13 4.60 22.60
N SER B 555 -10.64 5.13 23.73
CA SER B 555 -10.76 6.59 24.02
C SER B 555 -9.79 7.40 23.13
N VAL B 556 -8.60 6.91 22.86
CA VAL B 556 -7.60 7.74 22.12
C VAL B 556 -7.71 7.57 20.59
N LEU B 557 -7.99 6.37 20.11
CA LEU B 557 -7.97 6.06 18.64
C LEU B 557 -9.37 6.03 18.01
N ILE B 558 -10.41 5.56 18.71
CA ILE B 558 -11.74 5.24 18.11
C ILE B 558 -12.73 6.38 18.33
N HIS B 559 -13.08 6.67 19.59
CA HIS B 559 -14.25 7.54 19.92
C HIS B 559 -13.79 8.99 19.96
N PRO B 560 -14.40 9.89 19.17
CA PRO B 560 -14.05 11.30 19.23
C PRO B 560 -14.57 11.86 20.54
N ILE B 561 -14.13 13.06 20.90
CA ILE B 561 -14.63 13.81 22.09
C ILE B 561 -15.91 14.52 21.71
N PRO B 562 -17.01 14.35 22.48
CA PRO B 562 -18.21 15.17 22.28
C PRO B 562 -17.83 16.66 22.41
N LEU B 563 -18.23 17.48 21.44
CA LEU B 563 -18.01 18.96 21.41
C LEU B 563 -19.29 19.70 21.81
N ASN B 564 -19.31 21.02 21.59
CA ASN B 564 -20.54 21.85 21.52
C ASN B 564 -21.46 21.27 20.44
C1 FPP C . 5.50 0.65 -23.95
O1 FPP C . 5.86 1.26 -25.20
C2 FPP C . 4.74 -0.65 -24.06
C3 FPP C . 5.16 -1.75 -23.47
C4 FPP C . 6.41 -1.81 -22.65
C5 FPP C . 4.45 -3.08 -23.65
C6 FPP C . 3.98 -3.74 -22.38
C7 FPP C . 2.66 -3.21 -21.91
C8 FPP C . 2.44 -2.27 -20.99
C10 FPP C . 3.54 -1.51 -20.33
C9 FPP C . 1.07 -1.95 -20.53
C11 FPP C . 0.74 -2.73 -19.30
C12 FPP C . -0.08 -3.94 -19.55
C13 FPP C . -0.81 -4.65 -18.68
C14 FPP C . -1.52 -5.92 -19.04
C15 FPP C . -1.00 -4.22 -17.25
PA FPP C . 7.15 0.84 -26.13
O1A FPP C . 6.39 0.74 -27.42
O2A FPP C . 8.53 1.58 -26.03
O3A FPP C . 7.61 -0.71 -25.86
PB FPP C . 8.97 -1.27 -26.71
O1B FPP C . 10.16 -0.35 -26.42
O2B FPP C . 9.22 -2.68 -26.22
O3B FPP C . 8.58 -1.26 -28.16
MG MG D . 12.03 -0.65 -25.60
MG MG E . 10.69 1.49 -25.69
MG MG F . 7.20 0.03 -28.97
C1 FPP G . 6.45 -7.43 24.47
O1 FPP G . 7.15 -8.65 24.18
C2 FPP G . 7.19 -6.25 23.88
C3 FPP G . 8.11 -6.27 22.90
C4 FPP G . 8.48 -7.49 22.11
C5 FPP G . 8.85 -5.02 22.51
C6 FPP G . 8.78 -4.69 21.03
C7 FPP G . 7.94 -3.48 20.75
C8 FPP G . 6.65 -3.29 21.03
C10 FPP G . 5.80 -4.27 21.80
C9 FPP G . 5.95 -2.03 20.63
C11 FPP G . 6.43 -1.41 19.36
C12 FPP G . 6.95 -0.02 19.58
C13 FPP G . 6.82 1.04 18.80
C14 FPP G . 7.26 2.40 19.24
C15 FPP G . 6.22 0.99 17.42
PA FPP G . 8.18 -9.34 25.21
O1A FPP G . 8.19 -8.72 26.57
O2A FPP G . 7.88 -10.80 25.16
O3A FPP G . 9.65 -9.13 24.58
PB FPP G . 11.04 -9.80 25.06
O1B FPP G . 10.85 -11.27 24.77
O2B FPP G . 12.20 -9.19 24.33
O3B FPP G . 11.12 -9.54 26.55
MG MG H . 9.54 -9.21 27.81
MG MG I . 9.04 -12.12 24.31
MG MG J . 12.22 -12.36 23.76
#